data_6WTE
#
_entry.id   6WTE
#
_cell.length_a   49.368
_cell.length_b   103.759
_cell.length_c   105.970
_cell.angle_alpha   90.000
_cell.angle_beta   95.080
_cell.angle_gamma   90.000
#
_symmetry.space_group_name_H-M   'P 1 21 1'
#
loop_
_entity.id
_entity.type
_entity.pdbx_description
1 polymer 'B12-binding domain-containing protein'
2 non-polymer 'IRON/SULFUR CLUSTER'
3 non-polymer COBALAMIN
4 non-polymer 1,2-ETHANEDIOL
5 water water
#
_entity_poly.entity_id   1
_entity_poly.type   'polypeptide(L)'
_entity_poly.pdbx_seq_one_letter_code
;MSRLVLLVNPNKVHPPIAPYALDVLTTALEDEGFEVEVLDLTFRRDDWKTCLHEYFAERSPMLVGVTVRNTDTVYAFEQR
PFVGEHREIITEIRRLTDAPVVGGGIGFSTMPFALVEYFGIEYGVKGPGEKILCELATAISEGRDTAGIPGLIRNTERGA
VRVPPAVLTVRHGKTQPAEPTGQFEPRVWQVDQLSVYRRRSGVPRKVDNLEYYRRGGLGSILTKNGCAYRCSHCVEPDAK
GTRYGQRELASVVDEMESLAAQGILDQHTTDSEFNLSIAHAKNLLREIVRRRHADPDNPLNRLRLWVYCQPSPFDEEFAD
LLAAAGCRGVNVGSDHIRPELLSGWKVTEKGGTYYTFEDTERLVRLCRERGILTMVEALFGMPGETPETVRACVDAFMAL
DATVTGFSLGLRLFPYTPMGIEIAEQCAGVRTAPGLQSNTADGPIVLKPLRMCASPAEYERQFMFDEHGNFRLVCYFSPG
LLPDPARAADPEERWHGAVADLWALIDPADHHRVMLPTVEGMSEHDNNYADNPFLTSLGGLGYTGAFWSHWRGREEIMRK
AREAAAQSSHLPTPV
;
_entity_poly.pdbx_strand_id   A,B
#
# COMPACT_ATOMS: atom_id res chain seq x y z
N MET A 1 -19.04 -7.71 -27.06
CA MET A 1 -19.24 -8.25 -25.72
C MET A 1 -18.11 -7.80 -24.78
N SER A 2 -18.21 -8.20 -23.52
CA SER A 2 -17.23 -7.89 -22.50
C SER A 2 -16.84 -9.16 -21.77
N ARG A 3 -15.59 -9.22 -21.32
CA ARG A 3 -15.12 -10.34 -20.52
C ARG A 3 -14.67 -9.88 -19.14
N LEU A 4 -15.09 -8.70 -18.71
CA LEU A 4 -14.65 -8.10 -17.46
C LEU A 4 -15.59 -8.48 -16.33
N VAL A 5 -15.05 -9.07 -15.27
CA VAL A 5 -15.77 -9.41 -14.05
C VAL A 5 -15.19 -8.58 -12.91
N LEU A 6 -16.06 -7.91 -12.17
CA LEU A 6 -15.68 -7.20 -10.95
C LEU A 6 -16.01 -8.08 -9.74
N LEU A 7 -15.07 -8.18 -8.81
CA LEU A 7 -15.27 -8.85 -7.53
C LEU A 7 -15.09 -7.82 -6.43
N VAL A 8 -16.08 -7.72 -5.53
CA VAL A 8 -16.11 -6.71 -4.47
C VAL A 8 -15.95 -7.40 -3.13
N ASN A 9 -15.01 -6.89 -2.31
CA ASN A 9 -14.94 -7.31 -0.91
C ASN A 9 -15.61 -6.27 -0.03
N PRO A 10 -16.79 -6.54 0.52
CA PRO A 10 -17.46 -5.57 1.40
C PRO A 10 -17.07 -5.68 2.87
N ASN A 11 -16.17 -6.59 3.20
CA ASN A 11 -15.80 -6.84 4.59
C ASN A 11 -15.18 -5.59 5.20
N LYS A 12 -15.82 -5.04 6.23
CA LYS A 12 -15.30 -3.86 6.91
C LYS A 12 -14.72 -4.18 8.29
N VAL A 13 -14.54 -5.45 8.61
CA VAL A 13 -14.04 -5.84 9.93
C VAL A 13 -12.54 -5.58 10.00
N HIS A 14 -12.12 -4.88 11.05
CA HIS A 14 -10.73 -4.84 11.46
C HIS A 14 -10.59 -5.48 12.84
N PRO A 15 -9.48 -6.18 13.13
CA PRO A 15 -8.31 -6.40 12.27
C PRO A 15 -8.63 -7.13 10.97
N PRO A 16 -7.97 -6.72 9.89
CA PRO A 16 -8.41 -7.15 8.55
C PRO A 16 -7.91 -8.53 8.19
N ILE A 17 -8.77 -9.29 7.51
CA ILE A 17 -8.47 -10.64 7.05
C ILE A 17 -8.63 -10.64 5.53
N ALA A 18 -7.58 -11.07 4.83
CA ALA A 18 -7.62 -11.05 3.37
C ALA A 18 -8.79 -11.88 2.85
N PRO A 19 -9.54 -11.37 1.87
CA PRO A 19 -10.65 -12.14 1.26
C PRO A 19 -10.14 -13.21 0.31
N TYR A 20 -9.67 -14.31 0.91
CA TYR A 20 -9.07 -15.41 0.18
C TYR A 20 -9.98 -15.90 -0.94
N ALA A 21 -11.30 -15.89 -0.69
CA ALA A 21 -12.27 -16.31 -1.71
C ALA A 21 -12.01 -15.62 -3.04
N LEU A 22 -11.69 -14.33 -3.02
CA LEU A 22 -11.53 -13.59 -4.27
C LEU A 22 -10.28 -14.04 -5.02
N ASP A 23 -9.23 -14.48 -4.31
CA ASP A 23 -8.07 -15.02 -5.00
C ASP A 23 -8.41 -16.33 -5.70
N VAL A 24 -9.21 -17.18 -5.03
CA VAL A 24 -9.66 -18.43 -5.66
C VAL A 24 -10.48 -18.12 -6.92
N LEU A 25 -11.44 -17.20 -6.79
CA LEU A 25 -12.30 -16.88 -7.92
C LEU A 25 -11.53 -16.21 -9.04
N THR A 26 -10.60 -15.32 -8.70
CA THR A 26 -9.80 -14.64 -9.72
C THR A 26 -9.01 -15.65 -10.53
N THR A 27 -8.37 -16.62 -9.87
CA THR A 27 -7.56 -17.60 -10.59
C THR A 27 -8.40 -18.36 -11.60
N ALA A 28 -9.55 -18.87 -11.17
CA ALA A 28 -10.40 -19.66 -12.06
C ALA A 28 -10.90 -18.82 -13.23
N LEU A 29 -11.37 -17.61 -12.94
CA LEU A 29 -11.90 -16.76 -14.00
C LEU A 29 -10.82 -16.38 -14.99
N GLU A 30 -9.63 -16.00 -14.49
CA GLU A 30 -8.54 -15.65 -15.39
C GLU A 30 -8.12 -16.84 -16.24
N ASP A 31 -8.06 -18.04 -15.64
CA ASP A 31 -7.68 -19.23 -16.39
C ASP A 31 -8.68 -19.57 -17.48
N GLU A 32 -9.93 -19.15 -17.33
CA GLU A 32 -10.97 -19.36 -18.35
C GLU A 32 -11.09 -18.20 -19.32
N GLY A 33 -10.17 -17.25 -19.28
CA GLY A 33 -10.12 -16.20 -20.27
C GLY A 33 -10.81 -14.91 -19.92
N PHE A 34 -11.23 -14.72 -18.68
CA PHE A 34 -11.87 -13.49 -18.26
C PHE A 34 -10.87 -12.52 -17.67
N GLU A 35 -11.18 -11.23 -17.78
CA GLU A 35 -10.44 -10.20 -17.08
C GLU A 35 -11.13 -9.96 -15.74
N VAL A 36 -10.35 -9.93 -14.65
CA VAL A 36 -10.90 -9.81 -13.31
C VAL A 36 -10.29 -8.59 -12.64
N GLU A 37 -11.14 -7.77 -12.04
CA GLU A 37 -10.71 -6.68 -11.18
C GLU A 37 -11.38 -6.82 -9.82
N VAL A 38 -10.60 -6.57 -8.76
CA VAL A 38 -11.06 -6.67 -7.38
C VAL A 38 -11.15 -5.26 -6.81
N LEU A 39 -12.26 -4.97 -6.16
CA LEU A 39 -12.44 -3.73 -5.44
C LEU A 39 -12.56 -4.09 -3.97
N ASP A 40 -11.51 -3.84 -3.20
CA ASP A 40 -11.44 -4.26 -1.80
C ASP A 40 -11.75 -3.05 -0.92
N LEU A 41 -12.90 -3.09 -0.24
CA LEU A 41 -13.35 -1.96 0.56
C LEU A 41 -12.85 -2.00 1.99
N THR A 42 -12.14 -3.06 2.38
CA THR A 42 -11.69 -3.20 3.77
C THR A 42 -10.81 -2.02 4.19
N PHE A 43 -9.91 -1.59 3.32
CA PHE A 43 -9.06 -0.45 3.63
C PHE A 43 -9.65 0.87 3.12
N ARG A 44 -10.93 0.89 2.79
CA ARG A 44 -11.65 2.10 2.41
C ARG A 44 -12.94 2.23 3.19
N ARG A 45 -12.92 1.80 4.47
CA ARG A 45 -14.13 1.77 5.28
C ARG A 45 -14.79 3.13 5.37
N ASP A 46 -14.00 4.19 5.44
CA ASP A 46 -14.52 5.52 5.70
C ASP A 46 -14.93 6.26 4.43
N ASP A 47 -14.66 5.69 3.25
CA ASP A 47 -15.03 6.37 2.01
C ASP A 47 -15.30 5.34 0.91
N TRP A 48 -15.95 4.23 1.26
CA TRP A 48 -16.12 3.15 0.28
C TRP A 48 -17.01 3.58 -0.88
N LYS A 49 -17.94 4.51 -0.65
CA LYS A 49 -18.75 5.01 -1.76
C LYS A 49 -17.88 5.73 -2.79
N THR A 50 -16.91 6.52 -2.31
CA THR A 50 -15.96 7.17 -3.22
C THR A 50 -15.22 6.14 -4.07
N CYS A 51 -14.79 5.05 -3.44
CA CYS A 51 -14.13 3.98 -4.20
C CYS A 51 -15.05 3.42 -5.29
N LEU A 52 -16.31 3.16 -4.94
CA LEU A 52 -17.27 2.66 -5.94
C LEU A 52 -17.53 3.68 -7.04
N HIS A 53 -17.73 4.94 -6.66
CA HIS A 53 -18.00 5.97 -7.66
C HIS A 53 -16.88 6.08 -8.68
N GLU A 54 -15.62 6.05 -8.21
CA GLU A 54 -14.50 6.09 -9.14
C GLU A 54 -14.53 4.89 -10.07
N TYR A 55 -14.73 3.68 -9.52
CA TYR A 55 -14.61 2.48 -10.34
C TYR A 55 -15.63 2.44 -11.47
N PHE A 56 -16.91 2.63 -11.13
CA PHE A 56 -17.96 2.45 -12.12
C PHE A 56 -18.04 3.58 -13.14
N ALA A 57 -17.44 4.73 -12.85
CA ALA A 57 -17.37 5.75 -13.87
C ALA A 57 -16.37 5.40 -14.96
N GLU A 58 -15.33 4.64 -14.60
CA GLU A 58 -14.25 4.27 -15.51
C GLU A 58 -14.41 2.88 -16.10
N ARG A 59 -15.11 1.98 -15.42
CA ARG A 59 -15.18 0.57 -15.82
C ARG A 59 -16.63 0.11 -15.86
N SER A 60 -16.91 -0.80 -16.80
CA SER A 60 -18.25 -1.35 -16.98
C SER A 60 -18.15 -2.86 -17.02
N PRO A 61 -17.97 -3.50 -15.87
CA PRO A 61 -17.93 -4.96 -15.84
C PRO A 61 -19.28 -5.53 -16.26
N MET A 62 -19.26 -6.72 -16.86
CA MET A 62 -20.50 -7.36 -17.27
C MET A 62 -21.09 -8.25 -16.19
N LEU A 63 -20.36 -8.45 -15.09
CA LEU A 63 -20.83 -9.24 -13.95
C LEU A 63 -20.14 -8.71 -12.70
N VAL A 64 -20.89 -8.59 -11.62
CA VAL A 64 -20.36 -8.10 -10.35
C VAL A 64 -20.60 -9.17 -9.30
N GLY A 65 -19.52 -9.68 -8.72
CA GLY A 65 -19.61 -10.65 -7.64
C GLY A 65 -19.30 -9.97 -6.31
N VAL A 66 -20.05 -10.33 -5.28
CA VAL A 66 -19.84 -9.79 -3.94
C VAL A 66 -19.64 -10.96 -2.98
N THR A 67 -18.50 -10.97 -2.27
CA THR A 67 -18.25 -12.04 -1.30
C THR A 67 -18.78 -11.63 0.07
N VAL A 68 -19.63 -12.45 0.65
CA VAL A 68 -20.23 -12.18 1.95
C VAL A 68 -19.71 -13.24 2.90
N ARG A 69 -18.64 -12.91 3.61
CA ARG A 69 -17.94 -13.89 4.44
C ARG A 69 -18.65 -14.12 5.76
N ASN A 70 -19.10 -13.06 6.43
CA ASN A 70 -19.71 -13.12 7.74
C ASN A 70 -21.12 -12.55 7.68
N THR A 71 -22.08 -13.27 8.24
CA THR A 71 -23.43 -12.70 8.38
C THR A 71 -23.54 -11.80 9.60
N ASP A 72 -22.83 -12.16 10.67
CA ASP A 72 -22.83 -11.42 11.93
C ASP A 72 -21.58 -11.86 12.68
N THR A 73 -21.38 -11.31 13.88
CA THR A 73 -20.20 -11.68 14.65
C THR A 73 -20.28 -13.09 15.20
N VAL A 74 -21.49 -13.66 15.28
CA VAL A 74 -21.74 -15.04 15.69
C VAL A 74 -21.55 -15.18 17.21
N TYR A 75 -21.26 -14.07 17.88
CA TYR A 75 -21.27 -14.04 19.34
C TYR A 75 -22.71 -13.97 19.81
N ALA A 76 -23.16 -15.01 20.53
CA ALA A 76 -24.58 -15.11 20.86
C ALA A 76 -25.06 -13.97 21.76
N PHE A 77 -24.21 -13.48 22.66
CA PHE A 77 -24.62 -12.39 23.52
C PHE A 77 -24.63 -11.04 22.81
N GLU A 78 -24.02 -10.94 21.63
CA GLU A 78 -23.90 -9.68 20.93
C GLU A 78 -24.98 -9.48 19.87
N GLN A 79 -25.16 -10.44 18.98
CA GLN A 79 -26.17 -10.36 17.92
C GLN A 79 -25.99 -9.08 17.10
N ARG A 80 -24.78 -8.93 16.58
CA ARG A 80 -24.43 -7.78 15.74
CA ARG A 80 -24.41 -7.78 15.75
C ARG A 80 -24.33 -8.23 14.30
N PRO A 81 -25.31 -7.90 13.45
CA PRO A 81 -25.28 -8.36 12.06
C PRO A 81 -24.36 -7.53 11.19
N PHE A 82 -23.87 -8.17 10.13
CA PHE A 82 -23.17 -7.48 9.05
C PHE A 82 -23.98 -7.36 7.76
N VAL A 83 -25.07 -8.13 7.62
CA VAL A 83 -25.74 -8.19 6.32
C VAL A 83 -26.42 -6.87 5.97
N GLY A 84 -26.80 -6.07 6.98
CA GLY A 84 -27.35 -4.75 6.69
C GLY A 84 -26.31 -3.84 6.06
N GLU A 85 -25.09 -3.86 6.60
CA GLU A 85 -24.00 -3.11 5.99
C GLU A 85 -23.66 -3.65 4.61
N HIS A 86 -23.71 -4.99 4.43
CA HIS A 86 -23.47 -5.56 3.11
C HIS A 86 -24.53 -5.07 2.12
N ARG A 87 -25.79 -5.03 2.56
CA ARG A 87 -26.86 -4.59 1.65
CA ARG A 87 -26.85 -4.59 1.64
C ARG A 87 -26.66 -3.14 1.24
N GLU A 88 -26.21 -2.29 2.17
CA GLU A 88 -25.95 -0.90 1.83
C GLU A 88 -24.94 -0.79 0.70
N ILE A 89 -23.87 -1.58 0.76
CA ILE A 89 -22.86 -1.58 -0.30
C ILE A 89 -23.46 -2.07 -1.61
N ILE A 90 -24.24 -3.16 -1.56
CA ILE A 90 -24.83 -3.71 -2.77
C ILE A 90 -25.84 -2.72 -3.37
N THR A 91 -26.60 -2.03 -2.52
CA THR A 91 -27.56 -1.06 -3.03
C THR A 91 -26.87 0.05 -3.79
N GLU A 92 -25.73 0.53 -3.29
CA GLU A 92 -24.97 1.55 -4.01
C GLU A 92 -24.43 1.00 -5.33
N ILE A 93 -23.94 -0.24 -5.34
CA ILE A 93 -23.48 -0.86 -6.58
C ILE A 93 -24.57 -0.82 -7.63
N ARG A 94 -25.79 -1.22 -7.25
CA ARG A 94 -26.88 -1.31 -8.22
C ARG A 94 -27.36 0.06 -8.69
N ARG A 95 -27.04 1.13 -7.95
CA ARG A 95 -27.29 2.47 -8.46
C ARG A 95 -26.31 2.87 -9.55
N LEU A 96 -25.16 2.19 -9.64
CA LEU A 96 -24.07 2.58 -10.52
C LEU A 96 -23.93 1.70 -11.75
N THR A 97 -24.56 0.52 -11.76
CA THR A 97 -24.44 -0.39 -12.90
C THR A 97 -25.71 -1.22 -13.00
N ASP A 98 -26.04 -1.60 -14.23
CA ASP A 98 -27.10 -2.56 -14.48
C ASP A 98 -26.56 -3.97 -14.68
N ALA A 99 -25.26 -4.17 -14.53
CA ALA A 99 -24.69 -5.50 -14.61
C ALA A 99 -25.31 -6.38 -13.51
N PRO A 100 -25.54 -7.66 -13.78
CA PRO A 100 -26.08 -8.53 -12.74
C PRO A 100 -25.09 -8.68 -11.59
N VAL A 101 -25.64 -8.85 -10.39
CA VAL A 101 -24.85 -9.06 -9.18
C VAL A 101 -25.05 -10.49 -8.74
N VAL A 102 -23.94 -11.18 -8.44
CA VAL A 102 -23.97 -12.53 -7.90
C VAL A 102 -23.31 -12.50 -6.53
N GLY A 103 -23.93 -13.17 -5.57
CA GLY A 103 -23.42 -13.27 -4.21
C GLY A 103 -22.86 -14.65 -3.94
N GLY A 104 -21.91 -14.70 -3.01
CA GLY A 104 -21.33 -15.96 -2.54
C GLY A 104 -20.61 -15.68 -1.25
N GLY A 105 -20.05 -16.73 -0.66
CA GLY A 105 -19.35 -16.62 0.62
C GLY A 105 -19.71 -17.77 1.54
N ILE A 106 -18.86 -17.98 2.55
CA ILE A 106 -19.20 -19.00 3.55
C ILE A 106 -20.40 -18.54 4.38
N GLY A 107 -20.33 -17.35 4.99
CA GLY A 107 -21.50 -16.82 5.66
C GLY A 107 -22.71 -16.72 4.74
N PHE A 108 -22.49 -16.28 3.51
CA PHE A 108 -23.57 -16.25 2.52
C PHE A 108 -24.23 -17.61 2.35
N SER A 109 -23.42 -18.67 2.28
CA SER A 109 -23.91 -20.02 2.04
C SER A 109 -24.68 -20.61 3.22
N THR A 110 -24.68 -19.97 4.39
CA THR A 110 -25.53 -20.45 5.46
C THR A 110 -26.99 -20.04 5.26
N MET A 111 -27.25 -19.06 4.42
CA MET A 111 -28.61 -18.61 4.17
C MET A 111 -28.67 -17.93 2.80
N PRO A 112 -28.32 -18.64 1.73
CA PRO A 112 -28.11 -17.94 0.45
C PRO A 112 -29.41 -17.52 -0.22
N PHE A 113 -30.50 -18.27 -0.07
CA PHE A 113 -31.75 -17.84 -0.67
C PHE A 113 -32.28 -16.59 0.02
N ALA A 114 -32.25 -16.56 1.36
CA ALA A 114 -32.68 -15.37 2.08
C ALA A 114 -31.85 -14.16 1.69
N LEU A 115 -30.54 -14.34 1.51
CA LEU A 115 -29.68 -13.21 1.23
C LEU A 115 -29.84 -12.73 -0.22
N VAL A 116 -30.02 -13.65 -1.17
CA VAL A 116 -30.31 -13.22 -2.53
C VAL A 116 -31.53 -12.30 -2.54
N GLU A 117 -32.59 -12.70 -1.82
CA GLU A 117 -33.81 -11.90 -1.80
C GLU A 117 -33.62 -10.62 -0.98
N TYR A 118 -32.94 -10.72 0.17
CA TYR A 118 -32.71 -9.55 1.01
C TYR A 118 -31.86 -8.50 0.29
N PHE A 119 -30.78 -8.94 -0.36
CA PHE A 119 -29.90 -8.01 -1.08
C PHE A 119 -30.54 -7.50 -2.36
N GLY A 120 -31.53 -8.21 -2.88
CA GLY A 120 -32.15 -7.80 -4.13
C GLY A 120 -31.29 -8.03 -5.35
N ILE A 121 -30.49 -9.09 -5.35
CA ILE A 121 -29.52 -9.34 -6.41
C ILE A 121 -30.04 -10.47 -7.30
N GLU A 122 -29.39 -10.62 -8.46
CA GLU A 122 -29.86 -11.55 -9.48
C GLU A 122 -29.51 -12.99 -9.15
N TYR A 123 -28.31 -13.24 -8.63
CA TYR A 123 -27.79 -14.60 -8.56
C TYR A 123 -27.11 -14.84 -7.23
N GLY A 124 -27.07 -16.11 -6.84
CA GLY A 124 -26.34 -16.52 -5.66
C GLY A 124 -25.72 -17.89 -5.85
N VAL A 125 -24.67 -18.14 -5.08
CA VAL A 125 -23.96 -19.42 -5.10
C VAL A 125 -23.80 -19.91 -3.68
N LYS A 126 -24.12 -21.19 -3.45
CA LYS A 126 -23.95 -21.84 -2.16
C LYS A 126 -22.76 -22.79 -2.27
N GLY A 127 -21.76 -22.59 -1.41
CA GLY A 127 -20.57 -23.42 -1.43
C GLY A 127 -19.49 -22.85 -2.33
N PRO A 128 -18.48 -23.67 -2.65
CA PRO A 128 -17.36 -23.18 -3.48
C PRO A 128 -17.87 -22.60 -4.80
N GLY A 129 -17.31 -21.47 -5.20
CA GLY A 129 -17.91 -20.77 -6.32
C GLY A 129 -17.13 -20.73 -7.61
N GLU A 130 -15.89 -21.23 -7.62
CA GLU A 130 -14.99 -20.97 -8.74
C GLU A 130 -15.52 -21.56 -10.06
N LYS A 131 -16.13 -22.75 -10.01
CA LYS A 131 -16.59 -23.35 -11.25
C LYS A 131 -17.93 -22.77 -11.71
N ILE A 132 -18.88 -22.64 -10.77
CA ILE A 132 -20.18 -22.05 -11.10
C ILE A 132 -20.00 -20.62 -11.60
N LEU A 133 -19.10 -19.86 -10.97
CA LEU A 133 -18.91 -18.47 -11.38
C LEU A 133 -18.37 -18.38 -12.80
N CYS A 134 -17.47 -19.30 -13.18
CA CYS A 134 -16.98 -19.29 -14.55
C CYS A 134 -18.10 -19.59 -15.55
N GLU A 135 -18.98 -20.54 -15.22
CA GLU A 135 -20.09 -20.81 -16.12
C GLU A 135 -21.03 -19.62 -16.19
N LEU A 136 -21.27 -18.96 -15.05
CA LEU A 136 -22.11 -17.76 -15.04
C LEU A 136 -21.49 -16.65 -15.88
N ALA A 137 -20.20 -16.38 -15.67
CA ALA A 137 -19.53 -15.35 -16.46
C ALA A 137 -19.59 -15.67 -17.94
N THR A 138 -19.48 -16.95 -18.30
CA THR A 138 -19.56 -17.32 -19.71
C THR A 138 -20.96 -17.05 -20.26
N ALA A 139 -22.00 -17.43 -19.50
CA ALA A 139 -23.36 -17.20 -19.97
C ALA A 139 -23.65 -15.70 -20.14
N ILE A 140 -23.28 -14.89 -19.15
CA ILE A 140 -23.56 -13.46 -19.22
C ILE A 140 -22.79 -12.84 -20.39
N SER A 141 -21.50 -13.15 -20.50
CA SER A 141 -20.69 -12.58 -21.56
C SER A 141 -21.23 -12.90 -22.94
N GLU A 142 -21.76 -14.11 -23.11
CA GLU A 142 -22.31 -14.56 -24.39
CA GLU A 142 -22.30 -14.54 -24.39
C GLU A 142 -23.77 -14.18 -24.57
N GLY A 143 -24.38 -13.49 -23.60
CA GLY A 143 -25.76 -13.11 -23.71
C GLY A 143 -26.74 -14.26 -23.64
N ARG A 144 -26.40 -15.31 -22.89
CA ARG A 144 -27.22 -16.51 -22.80
CA ARG A 144 -27.21 -16.51 -22.79
C ARG A 144 -28.06 -16.49 -21.53
N ASP A 145 -29.10 -17.33 -21.54
CA ASP A 145 -29.89 -17.60 -20.36
C ASP A 145 -29.03 -18.35 -19.34
N THR A 146 -29.24 -18.10 -18.06
CA THR A 146 -28.52 -18.79 -17.01
C THR A 146 -29.29 -19.97 -16.43
N ALA A 147 -30.39 -20.37 -17.07
CA ALA A 147 -31.26 -21.39 -16.53
C ALA A 147 -30.64 -22.78 -16.53
N GLY A 148 -29.54 -22.99 -17.24
CA GLY A 148 -28.88 -24.28 -17.28
C GLY A 148 -27.60 -24.37 -16.50
N ILE A 149 -27.30 -23.40 -15.65
CA ILE A 149 -26.05 -23.39 -14.88
C ILE A 149 -26.28 -24.21 -13.61
N PRO A 150 -25.66 -25.39 -13.47
CA PRO A 150 -25.93 -26.23 -12.30
C PRO A 150 -25.55 -25.52 -11.00
N GLY A 151 -26.44 -25.63 -10.01
CA GLY A 151 -26.21 -25.08 -8.69
C GLY A 151 -26.60 -23.63 -8.53
N LEU A 152 -26.78 -22.90 -9.62
CA LEU A 152 -26.98 -21.45 -9.52
C LEU A 152 -28.33 -21.12 -8.89
N ILE A 153 -28.30 -20.24 -7.88
CA ILE A 153 -29.52 -19.66 -7.32
C ILE A 153 -29.88 -18.42 -8.13
N ARG A 154 -31.13 -18.35 -8.60
CA ARG A 154 -31.58 -17.26 -9.44
C ARG A 154 -32.78 -16.58 -8.78
N ASN A 155 -32.69 -15.26 -8.65
CA ASN A 155 -33.76 -14.47 -8.03
C ASN A 155 -34.85 -14.22 -9.05
N THR A 156 -35.93 -14.98 -8.97
CA THR A 156 -37.06 -14.72 -9.85
C THR A 156 -38.02 -13.72 -9.20
N GLU A 157 -39.04 -13.32 -9.97
CA GLU A 157 -40.01 -12.38 -9.43
C GLU A 157 -40.79 -12.95 -8.27
N ARG A 158 -40.89 -14.27 -8.14
CA ARG A 158 -41.60 -14.90 -7.05
C ARG A 158 -40.67 -15.44 -5.97
N GLY A 159 -39.38 -15.15 -6.06
CA GLY A 159 -38.39 -15.53 -5.08
C GLY A 159 -37.25 -16.30 -5.71
N ALA A 160 -36.27 -16.64 -4.87
CA ALA A 160 -35.07 -17.31 -5.33
C ALA A 160 -35.33 -18.79 -5.56
N VAL A 161 -34.87 -19.30 -6.70
CA VAL A 161 -35.03 -20.69 -7.09
C VAL A 161 -33.69 -21.19 -7.62
N ARG A 162 -33.33 -22.42 -7.26
CA ARG A 162 -32.02 -22.97 -7.60
C ARG A 162 -32.09 -23.94 -8.77
N VAL A 163 -31.14 -23.81 -9.70
CA VAL A 163 -30.94 -24.83 -10.73
C VAL A 163 -30.29 -26.05 -10.10
N PRO A 164 -30.80 -27.26 -10.34
CA PRO A 164 -30.24 -28.44 -9.69
C PRO A 164 -28.82 -28.68 -10.15
N PRO A 165 -27.96 -29.20 -9.26
CA PRO A 165 -26.63 -29.59 -9.71
C PRO A 165 -26.73 -30.76 -10.67
N ALA A 166 -25.75 -30.86 -11.57
CA ALA A 166 -25.75 -31.98 -12.50
C ALA A 166 -25.18 -33.24 -11.87
N VAL A 167 -24.30 -33.10 -10.87
CA VAL A 167 -23.72 -34.24 -10.16
C VAL A 167 -24.62 -34.53 -8.96
N LEU A 168 -25.30 -35.68 -9.00
CA LEU A 168 -26.20 -36.09 -7.95
C LEU A 168 -25.61 -37.29 -7.20
N THR A 169 -25.93 -37.39 -5.92
CA THR A 169 -25.55 -38.58 -5.18
C THR A 169 -26.40 -39.77 -5.62
N VAL A 170 -25.87 -40.97 -5.36
CA VAL A 170 -26.51 -42.21 -5.80
C VAL A 170 -26.72 -43.10 -4.59
N ARG A 171 -27.94 -43.61 -4.45
CA ARG A 171 -28.28 -44.62 -3.44
C ARG A 171 -29.03 -45.75 -4.13
N HIS A 172 -28.59 -46.99 -3.89
CA HIS A 172 -29.20 -48.18 -4.48
C HIS A 172 -29.20 -48.11 -6.01
N GLY A 173 -28.17 -47.50 -6.59
CA GLY A 173 -28.08 -47.37 -8.03
C GLY A 173 -29.01 -46.34 -8.65
N LYS A 174 -29.76 -45.60 -7.84
CA LYS A 174 -30.64 -44.55 -8.34
C LYS A 174 -30.16 -43.20 -7.83
N THR A 175 -30.20 -42.20 -8.70
CA THR A 175 -29.79 -40.86 -8.32
C THR A 175 -30.79 -40.25 -7.35
N GLN A 176 -30.28 -39.42 -6.44
CA GLN A 176 -31.11 -38.72 -5.47
C GLN A 176 -31.39 -37.31 -5.96
N PRO A 177 -32.65 -36.93 -6.17
CA PRO A 177 -32.93 -35.57 -6.64
C PRO A 177 -32.42 -34.53 -5.66
N ALA A 178 -32.10 -33.34 -6.19
CA ALA A 178 -31.60 -32.28 -5.35
C ALA A 178 -32.71 -31.69 -4.49
N GLU A 179 -32.32 -31.28 -3.30
CA GLU A 179 -33.19 -30.53 -2.39
C GLU A 179 -33.40 -29.11 -2.92
N PRO A 180 -34.60 -28.56 -2.83
CA PRO A 180 -34.79 -27.18 -3.32
C PRO A 180 -33.90 -26.18 -2.60
N THR A 181 -33.46 -26.50 -1.39
CA THR A 181 -32.52 -25.69 -0.62
C THR A 181 -31.07 -25.97 -0.96
N GLY A 182 -30.79 -27.04 -1.68
CA GLY A 182 -29.43 -27.47 -1.90
C GLY A 182 -28.68 -27.84 -0.65
N GLN A 183 -29.40 -28.20 0.42
CA GLN A 183 -28.74 -28.43 1.70
C GLN A 183 -27.95 -29.74 1.72
N PHE A 184 -26.85 -29.72 2.46
CA PHE A 184 -26.06 -30.90 2.80
C PHE A 184 -25.71 -31.75 1.57
N GLU A 185 -25.21 -31.08 0.54
CA GLU A 185 -24.62 -31.73 -0.62
C GLU A 185 -23.11 -31.83 -0.47
N PRO A 186 -22.47 -32.78 -1.15
CA PRO A 186 -21.00 -32.89 -1.03
C PRO A 186 -20.27 -31.67 -1.59
N ARG A 187 -20.73 -31.14 -2.72
CA ARG A 187 -20.19 -29.95 -3.40
C ARG A 187 -18.76 -30.13 -3.89
N VAL A 188 -18.25 -31.37 -3.92
CA VAL A 188 -16.89 -31.60 -4.41
C VAL A 188 -16.75 -31.14 -5.86
N TRP A 189 -17.79 -31.35 -6.67
CA TRP A 189 -17.72 -30.95 -8.07
C TRP A 189 -17.54 -29.44 -8.24
N GLN A 190 -17.87 -28.67 -7.21
CA GLN A 190 -17.75 -27.20 -7.29
C GLN A 190 -16.34 -26.71 -7.04
N VAL A 191 -15.46 -27.59 -6.53
CA VAL A 191 -14.13 -27.21 -6.06
C VAL A 191 -13.12 -27.35 -7.20
N ASP A 192 -12.30 -26.31 -7.40
CA ASP A 192 -11.14 -26.40 -8.26
C ASP A 192 -10.03 -27.09 -7.47
N GLN A 193 -9.86 -28.39 -7.70
CA GLN A 193 -8.89 -29.20 -6.98
C GLN A 193 -7.52 -29.21 -7.64
N LEU A 194 -7.35 -28.51 -8.76
CA LEU A 194 -6.12 -28.59 -9.55
C LEU A 194 -5.26 -27.35 -9.46
N SER A 195 -5.84 -26.16 -9.55
CA SER A 195 -5.03 -24.97 -9.79
C SER A 195 -4.29 -24.53 -8.54
N VAL A 196 -3.17 -23.86 -8.76
CA VAL A 196 -2.55 -23.03 -7.73
C VAL A 196 -3.30 -21.71 -7.70
N TYR A 197 -3.82 -21.34 -6.54
CA TYR A 197 -4.51 -20.07 -6.42
C TYR A 197 -3.48 -18.96 -6.38
N ARG A 198 -3.56 -18.01 -7.31
CA ARG A 198 -2.55 -16.96 -7.40
C ARG A 198 -2.77 -15.94 -6.29
N ARG A 199 -1.74 -15.71 -5.49
CA ARG A 199 -1.79 -14.80 -4.34
C ARG A 199 -0.83 -13.67 -4.63
N ARG A 200 -1.37 -12.49 -4.91
CA ARG A 200 -0.57 -11.36 -5.37
C ARG A 200 -0.48 -10.32 -4.27
N SER A 201 0.51 -9.44 -4.41
CA SER A 201 0.70 -8.32 -3.50
C SER A 201 1.13 -7.09 -4.28
N GLY A 202 0.63 -5.94 -3.86
CA GLY A 202 0.98 -4.69 -4.52
C GLY A 202 0.44 -4.53 -5.92
N VAL A 203 -0.49 -5.36 -6.35
CA VAL A 203 -1.07 -5.30 -7.69
C VAL A 203 -2.40 -4.57 -7.61
N PRO A 204 -2.59 -3.47 -8.32
CA PRO A 204 -3.88 -2.78 -8.29
C PRO A 204 -5.02 -3.69 -8.73
N ARG A 205 -6.16 -3.55 -8.07
CA ARG A 205 -7.39 -4.27 -8.41
C ARG A 205 -7.21 -5.79 -8.35
N LYS A 206 -6.31 -6.23 -7.47
CA LYS A 206 -6.22 -7.62 -7.04
C LYS A 206 -6.08 -7.60 -5.52
N VAL A 207 -6.48 -8.70 -4.87
CA VAL A 207 -6.32 -8.78 -3.42
C VAL A 207 -4.85 -8.56 -3.08
N ASP A 208 -4.60 -7.64 -2.15
CA ASP A 208 -3.24 -7.24 -1.75
C ASP A 208 -2.85 -8.04 -0.52
N ASN A 209 -2.26 -9.21 -0.73
CA ASN A 209 -2.02 -10.12 0.38
C ASN A 209 -0.99 -9.57 1.37
N LEU A 210 0.07 -8.92 0.88
CA LEU A 210 1.08 -8.40 1.80
C LEU A 210 0.51 -7.28 2.66
N GLU A 211 -0.39 -6.46 2.09
CA GLU A 211 -1.02 -5.41 2.88
C GLU A 211 -1.75 -5.99 4.09
N TYR A 212 -2.52 -7.07 3.87
CA TYR A 212 -3.19 -7.72 4.99
C TYR A 212 -2.18 -8.30 5.97
N TYR A 213 -1.10 -8.89 5.45
CA TYR A 213 -0.12 -9.50 6.33
C TYR A 213 0.54 -8.47 7.23
N ARG A 214 0.88 -7.29 6.68
CA ARG A 214 1.50 -6.24 7.47
CA ARG A 214 1.50 -6.26 7.49
C ARG A 214 0.54 -5.66 8.50
N ARG A 215 -0.77 -5.80 8.30
CA ARG A 215 -1.75 -5.32 9.25
C ARG A 215 -2.26 -6.43 10.17
N GLY A 216 -1.56 -7.57 10.19
CA GLY A 216 -1.84 -8.64 11.13
C GLY A 216 -2.59 -9.82 10.55
N GLY A 217 -3.03 -9.74 9.29
CA GLY A 217 -3.79 -10.82 8.69
C GLY A 217 -2.92 -11.91 8.14
N LEU A 218 -2.83 -13.02 8.86
CA LEU A 218 -1.93 -14.10 8.50
C LEU A 218 -2.21 -14.59 7.08
N GLY A 219 -1.18 -15.16 6.48
CA GLY A 219 -1.40 -15.89 5.24
C GLY A 219 -2.46 -16.97 5.45
N SER A 220 -3.28 -17.17 4.43
CA SER A 220 -4.29 -18.20 4.45
C SER A 220 -3.95 -19.24 3.39
N ILE A 221 -4.17 -20.52 3.72
CA ILE A 221 -3.95 -21.57 2.75
C ILE A 221 -5.04 -22.61 2.92
N LEU A 222 -5.73 -22.93 1.83
CA LEU A 222 -6.74 -23.96 1.80
C LEU A 222 -6.10 -25.25 1.31
N THR A 223 -6.36 -26.36 2.00
CA THR A 223 -5.88 -27.65 1.53
C THR A 223 -6.99 -28.57 1.06
N LYS A 224 -8.20 -28.39 1.56
CA LYS A 224 -9.33 -29.22 1.19
CA LYS A 224 -9.33 -29.22 1.17
C LYS A 224 -10.63 -28.54 1.60
N ASN A 225 -11.63 -28.64 0.74
CA ASN A 225 -12.93 -28.06 1.05
C ASN A 225 -13.84 -29.11 1.68
N GLY A 226 -14.60 -28.69 2.68
CA GLY A 226 -15.72 -29.46 3.18
C GLY A 226 -15.44 -30.10 4.54
N CYS A 227 -16.50 -30.67 5.11
CA CYS A 227 -16.41 -31.45 6.33
C CYS A 227 -17.42 -32.57 6.27
N ALA A 228 -16.97 -33.79 6.57
CA ALA A 228 -17.84 -34.96 6.50
C ALA A 228 -18.54 -35.27 7.82
N TYR A 229 -18.25 -34.54 8.89
CA TYR A 229 -18.96 -34.77 10.15
C TYR A 229 -20.27 -33.98 10.14
N ARG A 230 -20.97 -33.93 11.26
CA ARG A 230 -22.29 -33.30 11.28
C ARG A 230 -22.57 -32.73 12.67
N CYS A 231 -21.62 -31.96 13.19
CA CYS A 231 -21.76 -31.42 14.53
C CYS A 231 -22.98 -30.51 14.61
N SER A 232 -23.72 -30.63 15.72
CA SER A 232 -25.06 -30.05 15.75
C SER A 232 -25.06 -28.53 15.69
N HIS A 233 -23.95 -27.90 16.07
CA HIS A 233 -23.85 -26.44 16.13
C HIS A 233 -23.28 -25.82 14.85
N CYS A 234 -22.87 -26.63 13.88
CA CYS A 234 -21.92 -26.18 12.89
C CYS A 234 -22.56 -26.01 11.52
N VAL A 235 -22.30 -24.85 10.89
CA VAL A 235 -22.82 -24.54 9.57
C VAL A 235 -21.99 -25.10 8.43
N GLU A 236 -20.80 -25.63 8.70
CA GLU A 236 -19.83 -25.86 7.62
C GLU A 236 -20.14 -27.08 6.76
N PRO A 237 -20.62 -28.21 7.30
CA PRO A 237 -21.00 -29.29 6.38
C PRO A 237 -21.98 -28.82 5.32
N ASP A 238 -22.98 -28.03 5.69
CA ASP A 238 -23.92 -27.55 4.69
C ASP A 238 -23.31 -26.44 3.84
N ALA A 239 -22.70 -25.44 4.48
CA ALA A 239 -22.30 -24.24 3.76
C ALA A 239 -21.03 -24.44 2.94
N LYS A 240 -20.16 -25.35 3.33
CA LYS A 240 -18.98 -25.69 2.54
C LYS A 240 -19.18 -26.94 1.70
N GLY A 241 -19.79 -27.97 2.24
CA GLY A 241 -19.94 -29.24 1.54
C GLY A 241 -19.68 -30.37 2.52
N THR A 242 -20.37 -31.48 2.32
CA THR A 242 -20.36 -32.61 3.24
C THR A 242 -19.29 -33.66 2.92
N ARG A 243 -18.51 -33.46 1.86
CA ARG A 243 -17.44 -34.39 1.52
C ARG A 243 -16.19 -33.58 1.16
N TYR A 244 -15.03 -34.23 1.24
CA TYR A 244 -13.76 -33.54 1.05
C TYR A 244 -13.45 -33.38 -0.43
N GLY A 245 -13.31 -32.13 -0.86
CA GLY A 245 -12.71 -31.83 -2.14
C GLY A 245 -11.26 -31.50 -1.90
N GLN A 246 -10.38 -32.49 -2.06
CA GLN A 246 -8.98 -32.34 -1.72
C GLN A 246 -8.23 -31.67 -2.87
N ARG A 247 -7.43 -30.66 -2.53
CA ARG A 247 -6.59 -30.02 -3.55
C ARG A 247 -5.36 -30.87 -3.82
N GLU A 248 -4.86 -30.77 -5.04
CA GLU A 248 -3.60 -31.41 -5.40
C GLU A 248 -2.49 -30.95 -4.45
N LEU A 249 -1.77 -31.93 -3.89
CA LEU A 249 -0.75 -31.61 -2.90
C LEU A 249 0.28 -30.64 -3.46
N ALA A 250 0.73 -30.87 -4.69
CA ALA A 250 1.75 -30.00 -5.27
C ALA A 250 1.23 -28.57 -5.44
N SER A 251 -0.06 -28.42 -5.75
CA SER A 251 -0.62 -27.07 -5.93
C SER A 251 -0.70 -26.33 -4.61
N VAL A 252 -1.14 -27.02 -3.53
CA VAL A 252 -1.18 -26.40 -2.22
C VAL A 252 0.21 -25.92 -1.80
N VAL A 253 1.21 -26.79 -1.92
CA VAL A 253 2.54 -26.40 -1.45
C VAL A 253 3.14 -25.32 -2.36
N ASP A 254 2.87 -25.37 -3.67
CA ASP A 254 3.27 -24.28 -4.56
C ASP A 254 2.73 -22.94 -4.07
N GLU A 255 1.45 -22.92 -3.68
CA GLU A 255 0.84 -21.69 -3.19
C GLU A 255 1.46 -21.22 -1.89
N MET A 256 1.68 -22.14 -0.95
CA MET A 256 2.37 -21.78 0.30
C MET A 256 3.76 -21.25 0.03
N GLU A 257 4.46 -21.86 -0.93
CA GLU A 257 5.80 -21.39 -1.27
C GLU A 257 5.75 -19.99 -1.85
N SER A 258 4.74 -19.72 -2.68
CA SER A 258 4.58 -18.38 -3.25
C SER A 258 4.32 -17.35 -2.18
N LEU A 259 3.46 -17.67 -1.20
CA LEU A 259 3.26 -16.79 -0.06
C LEU A 259 4.58 -16.54 0.68
N ALA A 260 5.30 -17.61 1.01
CA ALA A 260 6.53 -17.46 1.76
C ALA A 260 7.57 -16.64 1.00
N ALA A 261 7.58 -16.77 -0.33
CA ALA A 261 8.55 -16.01 -1.13
C ALA A 261 8.32 -14.50 -1.00
N GLN A 262 7.07 -14.08 -0.81
CA GLN A 262 6.75 -12.68 -0.62
C GLN A 262 6.96 -12.20 0.80
N GLY A 263 7.42 -13.06 1.70
CA GLY A 263 7.56 -12.70 3.10
C GLY A 263 6.36 -13.04 3.96
N ILE A 264 5.35 -13.66 3.38
CA ILE A 264 4.13 -14.05 4.14
C ILE A 264 4.45 -15.40 4.74
N LEU A 265 5.13 -15.37 5.89
CA LEU A 265 5.69 -16.57 6.51
C LEU A 265 4.72 -17.26 7.46
N ASP A 266 3.92 -16.50 8.19
CA ASP A 266 2.87 -17.06 9.02
C ASP A 266 1.65 -17.39 8.16
N GLN A 267 1.30 -18.66 8.08
CA GLN A 267 0.18 -19.10 7.26
C GLN A 267 -0.78 -19.92 8.11
N HIS A 268 -2.06 -19.64 7.95
CA HIS A 268 -3.11 -20.31 8.71
C HIS A 268 -3.92 -21.19 7.75
N THR A 269 -4.06 -22.47 8.10
CA THR A 269 -4.89 -23.36 7.28
C THR A 269 -6.34 -22.89 7.35
N THR A 270 -7.03 -22.94 6.21
CA THR A 270 -8.43 -22.52 6.15
C THR A 270 -9.38 -23.67 5.85
N ASP A 271 -8.94 -24.90 6.10
CA ASP A 271 -9.83 -26.04 6.08
C ASP A 271 -10.86 -25.91 7.20
N SER A 272 -11.95 -26.68 7.08
CA SER A 272 -12.85 -26.82 8.22
C SER A 272 -12.11 -27.40 9.42
N GLU A 273 -11.38 -28.49 9.21
CA GLU A 273 -10.55 -29.10 10.24
C GLU A 273 -9.32 -29.68 9.56
N PHE A 274 -8.12 -29.23 9.94
CA PHE A 274 -6.94 -29.64 9.18
C PHE A 274 -6.68 -31.14 9.32
N ASN A 275 -6.92 -31.72 10.50
CA ASN A 275 -6.56 -33.12 10.72
C ASN A 275 -7.69 -34.11 10.42
N LEU A 276 -8.85 -33.64 9.96
CA LEU A 276 -9.79 -34.57 9.37
C LEU A 276 -9.39 -34.78 7.91
N SER A 277 -9.75 -35.93 7.36
CA SER A 277 -9.10 -36.42 6.14
C SER A 277 -7.59 -36.42 6.34
N ILE A 278 -7.16 -37.28 7.28
CA ILE A 278 -5.83 -37.16 7.86
C ILE A 278 -4.74 -37.56 6.87
N ALA A 279 -5.02 -38.50 5.97
CA ALA A 279 -3.99 -38.95 5.05
C ALA A 279 -3.53 -37.82 4.15
N HIS A 280 -4.47 -36.99 3.69
CA HIS A 280 -4.12 -35.81 2.89
C HIS A 280 -3.28 -34.83 3.70
N ALA A 281 -3.65 -34.59 4.96
CA ALA A 281 -2.90 -33.66 5.79
C ALA A 281 -1.47 -34.14 5.98
N LYS A 282 -1.30 -35.43 6.29
CA LYS A 282 0.05 -35.97 6.49
C LYS A 282 0.85 -35.95 5.19
N ASN A 283 0.22 -36.26 4.05
CA ASN A 283 0.92 -36.17 2.78
C ASN A 283 1.35 -34.74 2.49
N LEU A 284 0.50 -33.78 2.83
CA LEU A 284 0.84 -32.37 2.63
C LEU A 284 2.06 -31.98 3.46
N LEU A 285 2.06 -32.35 4.75
CA LEU A 285 3.19 -32.02 5.61
C LEU A 285 4.47 -32.68 5.12
N ARG A 286 4.38 -33.94 4.68
CA ARG A 286 5.54 -34.62 4.13
C ARG A 286 6.11 -33.86 2.94
N GLU A 287 5.26 -33.35 2.06
CA GLU A 287 5.76 -32.61 0.91
C GLU A 287 6.40 -31.29 1.34
N ILE A 288 5.82 -30.61 2.33
CA ILE A 288 6.42 -29.38 2.83
C ILE A 288 7.81 -29.66 3.38
N VAL A 289 7.93 -30.72 4.18
CA VAL A 289 9.21 -31.10 4.76
C VAL A 289 10.20 -31.45 3.67
N ARG A 290 9.75 -32.18 2.64
CA ARG A 290 10.66 -32.60 1.58
C ARG A 290 11.22 -31.40 0.84
N ARG A 291 10.39 -30.39 0.56
CA ARG A 291 10.88 -29.20 -0.14
C ARG A 291 11.83 -28.41 0.74
N ARG A 292 11.51 -28.28 2.03
CA ARG A 292 12.39 -27.56 2.95
C ARG A 292 13.77 -28.20 2.99
N HIS A 293 13.80 -29.53 3.08
CA HIS A 293 15.09 -30.22 3.17
C HIS A 293 15.84 -30.19 1.84
N ALA A 294 15.12 -30.23 0.72
CA ALA A 294 15.78 -30.30 -0.58
C ALA A 294 16.51 -29.03 -0.96
N ASP A 295 16.11 -27.88 -0.41
CA ASP A 295 16.74 -26.62 -0.80
C ASP A 295 16.71 -25.65 0.37
N PRO A 296 17.86 -25.33 0.95
CA PRO A 296 17.87 -24.38 2.09
C PRO A 296 17.36 -23.00 1.71
N ASP A 297 17.44 -22.64 0.43
CA ASP A 297 16.94 -21.35 -0.04
C ASP A 297 15.44 -21.35 -0.30
N ASN A 298 14.80 -22.51 -0.23
CA ASN A 298 13.35 -22.54 -0.39
C ASN A 298 12.72 -21.74 0.75
N PRO A 299 11.87 -20.75 0.45
CA PRO A 299 11.34 -19.89 1.52
C PRO A 299 10.45 -20.61 2.50
N LEU A 300 9.99 -21.83 2.16
CA LEU A 300 9.27 -22.65 3.13
C LEU A 300 10.12 -22.99 4.35
N ASN A 301 11.43 -22.80 4.28
CA ASN A 301 12.26 -23.02 5.46
C ASN A 301 12.01 -21.99 6.56
N ARG A 302 11.30 -20.91 6.27
CA ARG A 302 10.89 -19.96 7.30
C ARG A 302 9.39 -20.01 7.55
N LEU A 303 8.70 -21.04 7.07
CA LEU A 303 7.26 -21.17 7.26
C LEU A 303 6.91 -21.26 8.74
N ARG A 304 5.85 -20.58 9.14
CA ARG A 304 5.30 -20.67 10.49
C ARG A 304 3.82 -21.02 10.31
N LEU A 305 3.49 -22.29 10.48
CA LEU A 305 2.17 -22.81 10.14
C LEU A 305 1.26 -22.82 11.36
N TRP A 306 0.03 -22.35 11.19
CA TRP A 306 -0.96 -22.31 12.26
C TRP A 306 -2.17 -23.09 11.79
N VAL A 307 -2.56 -24.11 12.54
CA VAL A 307 -3.59 -25.04 12.09
C VAL A 307 -4.71 -25.10 13.11
N TYR A 308 -5.88 -25.52 12.64
CA TYR A 308 -7.06 -25.73 13.46
C TYR A 308 -7.48 -27.19 13.33
N CYS A 309 -7.70 -27.84 14.47
CA CYS A 309 -7.86 -29.29 14.51
C CYS A 309 -9.01 -29.69 15.42
N GLN A 310 -9.47 -30.90 15.21
CA GLN A 310 -10.27 -31.62 16.19
C GLN A 310 -9.37 -32.47 17.06
N PRO A 311 -9.85 -32.91 18.23
CA PRO A 311 -8.97 -33.68 19.11
C PRO A 311 -8.47 -34.98 18.51
N SER A 312 -9.19 -35.57 17.55
CA SER A 312 -8.81 -36.83 16.96
C SER A 312 -9.10 -36.77 15.47
N PRO A 313 -8.22 -37.32 14.62
CA PRO A 313 -6.98 -38.01 14.97
C PRO A 313 -5.80 -37.06 15.11
N PHE A 314 -5.02 -37.21 16.19
CA PHE A 314 -3.85 -36.38 16.40
C PHE A 314 -2.82 -37.27 17.11
N ASP A 315 -2.00 -37.97 16.31
CA ASP A 315 -1.10 -38.95 16.87
C ASP A 315 0.35 -38.46 16.80
N GLU A 316 1.26 -39.32 17.27
CA GLU A 316 2.66 -38.92 17.37
C GLU A 316 3.24 -38.61 16.00
N GLU A 317 2.93 -39.43 15.00
CA GLU A 317 3.44 -39.17 13.66
C GLU A 317 2.95 -37.83 13.13
N PHE A 318 1.68 -37.51 13.38
CA PHE A 318 1.16 -36.22 12.96
C PHE A 318 1.90 -35.08 13.63
N ALA A 319 2.16 -35.21 14.94
CA ALA A 319 2.85 -34.15 15.66
C ALA A 319 4.28 -33.99 15.19
N ASP A 320 4.97 -35.11 14.91
CA ASP A 320 6.33 -35.02 14.35
C ASP A 320 6.32 -34.34 12.99
N LEU A 321 5.32 -34.64 12.16
CA LEU A 321 5.23 -34.01 10.85
C LEU A 321 4.93 -32.52 10.97
N LEU A 322 4.02 -32.15 11.85
CA LEU A 322 3.75 -30.73 12.09
C LEU A 322 5.02 -30.01 12.52
N ALA A 323 5.76 -30.58 13.48
CA ALA A 323 6.98 -29.92 13.95
C ALA A 323 7.98 -29.75 12.81
N ALA A 324 8.16 -30.80 12.01
CA ALA A 324 9.18 -30.74 10.95
C ALA A 324 8.79 -29.76 9.86
N ALA A 325 7.48 -29.57 9.64
CA ALA A 325 6.99 -28.69 8.58
C ALA A 325 7.03 -27.22 8.95
N GLY A 326 7.19 -26.88 10.22
CA GLY A 326 7.17 -25.51 10.67
C GLY A 326 5.91 -25.09 11.43
N CYS A 327 5.13 -26.03 11.93
CA CYS A 327 3.96 -25.67 12.72
C CYS A 327 4.39 -24.98 14.01
N ARG A 328 3.80 -23.82 14.27
CA ARG A 328 4.01 -23.08 15.51
C ARG A 328 2.86 -23.18 16.50
N GLY A 329 1.65 -23.48 16.02
CA GLY A 329 0.50 -23.50 16.91
C GLY A 329 -0.61 -24.39 16.39
N VAL A 330 -1.32 -25.01 17.32
CA VAL A 330 -2.51 -25.81 17.03
C VAL A 330 -3.65 -25.27 17.87
N ASN A 331 -4.76 -24.97 17.21
CA ASN A 331 -6.02 -24.60 17.86
C ASN A 331 -6.95 -25.79 17.73
N VAL A 332 -7.49 -26.27 18.86
CA VAL A 332 -8.30 -27.48 18.88
C VAL A 332 -9.70 -27.16 19.40
N GLY A 333 -10.71 -27.57 18.65
CA GLY A 333 -12.10 -27.43 19.06
C GLY A 333 -12.57 -28.57 19.94
N SER A 334 -11.97 -28.70 21.12
CA SER A 334 -12.37 -29.75 22.06
C SER A 334 -13.80 -29.55 22.52
N ASP A 335 -14.19 -28.30 22.77
CA ASP A 335 -15.56 -27.82 22.96
C ASP A 335 -16.17 -28.19 24.31
N HIS A 336 -16.01 -29.42 24.77
CA HIS A 336 -16.48 -29.79 26.10
C HIS A 336 -15.79 -31.07 26.55
N ILE A 337 -16.15 -31.54 27.75
CA ILE A 337 -15.64 -32.81 28.26
C ILE A 337 -16.75 -33.76 28.68
N ARG A 338 -17.95 -33.28 28.97
CA ARG A 338 -18.99 -34.14 29.51
CA ARG A 338 -18.99 -34.14 29.51
C ARG A 338 -19.64 -34.94 28.38
N PRO A 339 -19.66 -36.27 28.47
CA PRO A 339 -20.30 -37.07 27.42
C PRO A 339 -21.78 -36.76 27.25
N GLU A 340 -22.47 -36.40 28.33
CA GLU A 340 -23.89 -36.08 28.20
C GLU A 340 -24.10 -34.83 27.36
N LEU A 341 -23.13 -33.92 27.33
CA LEU A 341 -23.21 -32.76 26.47
C LEU A 341 -22.70 -33.03 25.06
N LEU A 342 -21.61 -33.78 24.94
CA LEU A 342 -21.02 -34.03 23.62
C LEU A 342 -21.85 -35.00 22.80
N SER A 343 -22.55 -35.91 23.45
CA SER A 343 -23.45 -36.81 22.75
C SER A 343 -24.49 -36.02 21.97
N GLY A 344 -24.69 -36.39 20.70
CA GLY A 344 -25.59 -35.68 19.82
C GLY A 344 -25.11 -34.32 19.36
N TRP A 345 -23.97 -33.85 19.87
CA TRP A 345 -23.45 -32.53 19.52
C TRP A 345 -22.21 -32.68 18.63
N LYS A 346 -21.09 -33.17 19.15
CA LYS A 346 -19.87 -33.32 18.36
C LYS A 346 -19.90 -34.74 17.78
N VAL A 347 -20.57 -34.90 16.64
CA VAL A 347 -20.84 -36.23 16.11
C VAL A 347 -20.50 -36.31 14.62
N THR A 348 -20.30 -37.54 14.17
CA THR A 348 -20.21 -37.86 12.76
C THR A 348 -21.60 -37.85 12.12
N GLU A 349 -21.64 -38.14 10.83
CA GLU A 349 -22.91 -38.27 10.12
C GLU A 349 -23.74 -39.46 10.63
N LYS A 350 -23.08 -40.47 11.19
CA LYS A 350 -23.77 -41.60 11.77
C LYS A 350 -24.32 -41.29 13.16
N GLY A 351 -23.94 -40.15 13.76
CA GLY A 351 -24.47 -39.74 15.04
C GLY A 351 -23.62 -40.09 16.23
N GLY A 352 -22.47 -40.74 16.04
CA GLY A 352 -21.61 -41.10 17.15
C GLY A 352 -20.55 -40.06 17.41
N THR A 353 -20.10 -39.99 18.66
CA THR A 353 -18.95 -39.15 18.98
C THR A 353 -17.70 -39.79 18.40
N TYR A 354 -16.66 -38.97 18.26
CA TYR A 354 -15.44 -39.41 17.60
C TYR A 354 -14.18 -39.03 18.38
N TYR A 355 -14.32 -38.58 19.63
CA TYR A 355 -13.14 -38.38 20.47
C TYR A 355 -13.53 -38.46 21.94
N THR A 356 -12.50 -38.55 22.76
CA THR A 356 -12.62 -38.49 24.21
C THR A 356 -11.69 -37.39 24.71
N PHE A 357 -11.75 -37.12 26.00
CA PHE A 357 -10.84 -36.10 26.53
C PHE A 357 -9.38 -36.53 26.42
N GLU A 358 -9.11 -37.85 26.40
CA GLU A 358 -7.72 -38.30 26.25
C GLU A 358 -7.12 -37.79 24.95
N ASP A 359 -7.94 -37.61 23.91
CA ASP A 359 -7.43 -37.13 22.63
C ASP A 359 -6.94 -35.69 22.74
N THR A 360 -7.66 -34.85 23.49
CA THR A 360 -7.17 -33.49 23.72
C THR A 360 -5.94 -33.49 24.61
N GLU A 361 -5.91 -34.34 25.64
CA GLU A 361 -4.73 -34.45 26.48
CA GLU A 361 -4.73 -34.46 26.49
C GLU A 361 -3.51 -34.87 25.67
N ARG A 362 -3.68 -35.85 24.78
CA ARG A 362 -2.55 -36.29 23.97
CA ARG A 362 -2.56 -36.30 23.96
C ARG A 362 -2.11 -35.20 23.00
N LEU A 363 -3.08 -34.52 22.37
CA LEU A 363 -2.71 -33.42 21.48
C LEU A 363 -1.87 -32.39 22.19
N VAL A 364 -2.31 -31.96 23.37
CA VAL A 364 -1.60 -30.90 24.08
C VAL A 364 -0.21 -31.39 24.49
N ARG A 365 -0.12 -32.63 24.99
CA ARG A 365 1.19 -33.17 25.38
C ARG A 365 2.14 -33.23 24.19
N LEU A 366 1.70 -33.82 23.08
CA LEU A 366 2.56 -33.96 21.91
C LEU A 366 3.03 -32.59 21.42
N CYS A 367 2.12 -31.61 21.43
CA CYS A 367 2.54 -30.26 21.03
C CYS A 367 3.54 -29.67 22.04
N ARG A 368 3.26 -29.85 23.33
CA ARG A 368 4.20 -29.37 24.35
CA ARG A 368 4.20 -29.37 24.35
C ARG A 368 5.57 -29.99 24.18
N GLU A 369 5.63 -31.31 23.96
CA GLU A 369 6.89 -31.99 23.75
C GLU A 369 7.68 -31.43 22.57
N ARG A 370 7.00 -30.80 21.61
CA ARG A 370 7.66 -30.32 20.39
C ARG A 370 7.69 -28.80 20.30
N GLY A 371 7.38 -28.10 21.38
CA GLY A 371 7.44 -26.65 21.34
C GLY A 371 6.40 -26.02 20.46
N ILE A 372 5.27 -26.68 20.28
CA ILE A 372 4.15 -26.17 19.50
C ILE A 372 3.12 -25.61 20.48
N LEU A 373 2.73 -24.36 20.26
CA LEU A 373 1.76 -23.70 21.12
C LEU A 373 0.36 -24.30 20.87
N THR A 374 -0.49 -24.18 21.88
CA THR A 374 -1.82 -24.77 21.84
C THR A 374 -2.87 -23.79 22.32
N MET A 375 -3.99 -23.74 21.60
CA MET A 375 -5.18 -23.05 22.07
C MET A 375 -6.33 -24.04 22.11
N VAL A 376 -6.88 -24.26 23.30
CA VAL A 376 -8.01 -25.18 23.50
C VAL A 376 -9.28 -24.37 23.68
N GLU A 377 -10.32 -24.71 22.91
CA GLU A 377 -11.57 -23.97 22.89
C GLU A 377 -12.69 -24.77 23.56
N ALA A 378 -13.50 -24.09 24.36
CA ALA A 378 -14.69 -24.66 24.95
C ALA A 378 -15.91 -23.81 24.59
N LEU A 379 -17.06 -24.47 24.44
CA LEU A 379 -18.32 -23.78 24.17
C LEU A 379 -19.33 -24.20 25.22
N PHE A 380 -19.87 -23.23 25.95
CA PHE A 380 -20.81 -23.50 27.02
C PHE A 380 -22.22 -23.04 26.64
N GLY A 381 -23.21 -23.78 27.12
CA GLY A 381 -24.60 -23.44 26.88
C GLY A 381 -25.34 -24.36 25.93
N MET A 382 -24.70 -25.40 25.41
CA MET A 382 -25.39 -26.37 24.56
C MET A 382 -26.39 -27.16 25.40
N PRO A 383 -27.30 -27.89 24.75
CA PRO A 383 -28.34 -28.61 25.52
C PRO A 383 -27.71 -29.55 26.54
N GLY A 384 -28.21 -29.46 27.78
CA GLY A 384 -27.69 -30.21 28.90
C GLY A 384 -26.85 -29.39 29.87
N GLU A 385 -26.41 -28.19 29.46
CA GLU A 385 -25.47 -27.44 30.27
C GLU A 385 -26.12 -26.96 31.58
N THR A 386 -25.43 -27.18 32.67
CA THR A 386 -25.77 -26.67 34.00
C THR A 386 -24.53 -25.98 34.53
N PRO A 387 -24.66 -25.22 35.63
CA PRO A 387 -23.44 -24.66 36.25
C PRO A 387 -22.41 -25.72 36.60
N GLU A 388 -22.83 -26.92 37.00
CA GLU A 388 -21.86 -27.94 37.38
C GLU A 388 -21.15 -28.53 36.17
N THR A 389 -21.84 -28.61 35.02
CA THR A 389 -21.16 -29.08 33.82
C THR A 389 -20.12 -28.08 33.33
N VAL A 390 -20.42 -26.78 33.45
CA VAL A 390 -19.44 -25.76 33.08
C VAL A 390 -18.21 -25.84 33.98
N ARG A 391 -18.42 -25.90 35.29
CA ARG A 391 -17.28 -25.96 36.22
C ARG A 391 -16.41 -27.17 35.95
N ALA A 392 -17.03 -28.32 35.71
CA ALA A 392 -16.27 -29.54 35.43
C ALA A 392 -15.40 -29.37 34.19
N CYS A 393 -15.95 -28.74 33.15
CA CYS A 393 -15.17 -28.51 31.94
C CYS A 393 -14.06 -27.49 32.19
N VAL A 394 -14.38 -26.39 32.87
CA VAL A 394 -13.36 -25.39 33.18
C VAL A 394 -12.19 -26.03 33.92
N ASP A 395 -12.50 -26.79 34.97
CA ASP A 395 -11.45 -27.41 35.78
C ASP A 395 -10.58 -28.34 34.96
N ALA A 396 -11.21 -29.19 34.14
CA ALA A 396 -10.43 -30.15 33.35
C ALA A 396 -9.64 -29.47 32.25
N PHE A 397 -10.25 -28.52 31.54
CA PHE A 397 -9.54 -27.83 30.46
C PHE A 397 -8.38 -26.99 31.01
N MET A 398 -8.61 -26.26 32.11
CA MET A 398 -7.55 -25.41 32.64
C MET A 398 -6.35 -26.22 33.11
N ALA A 399 -6.58 -27.45 33.58
CA ALA A 399 -5.48 -28.30 34.03
C ALA A 399 -4.62 -28.80 32.88
N LEU A 400 -5.07 -28.65 31.63
CA LEU A 400 -4.23 -29.02 30.48
C LEU A 400 -2.98 -28.15 30.37
N ASP A 401 -3.03 -26.93 30.92
CA ASP A 401 -1.95 -25.96 30.75
C ASP A 401 -1.71 -25.64 29.27
N ALA A 402 -2.80 -25.55 28.50
CA ALA A 402 -2.67 -25.09 27.13
C ALA A 402 -2.15 -23.66 27.11
N THR A 403 -1.49 -23.29 26.01
CA THR A 403 -0.96 -21.93 25.93
C THR A 403 -2.07 -20.92 26.17
N VAL A 404 -3.19 -21.11 25.49
CA VAL A 404 -4.38 -20.29 25.69
C VAL A 404 -5.57 -21.24 25.77
N THR A 405 -6.49 -20.93 26.67
CA THR A 405 -7.77 -21.64 26.76
C THR A 405 -8.87 -20.62 26.52
N GLY A 406 -9.68 -20.87 25.49
CA GLY A 406 -10.73 -19.94 25.08
C GLY A 406 -12.10 -20.51 25.42
N PHE A 407 -12.95 -19.67 25.98
CA PHE A 407 -14.30 -20.05 26.35
C PHE A 407 -15.32 -19.21 25.61
N SER A 408 -16.35 -19.86 25.08
CA SER A 408 -17.45 -19.20 24.40
C SER A 408 -18.77 -19.57 25.08
N LEU A 409 -19.78 -18.74 24.91
CA LEU A 409 -21.08 -18.88 25.58
C LEU A 409 -22.21 -18.67 24.60
N GLY A 410 -23.14 -19.62 24.56
CA GLY A 410 -24.32 -19.48 23.71
C GLY A 410 -24.05 -19.85 22.27
N LEU A 411 -25.14 -20.07 21.52
CA LEU A 411 -25.03 -20.51 20.13
C LEU A 411 -25.98 -19.69 19.26
N ARG A 412 -25.41 -18.98 18.29
CA ARG A 412 -26.25 -18.42 17.22
C ARG A 412 -26.74 -19.57 16.33
N LEU A 413 -28.06 -19.61 16.12
CA LEU A 413 -28.69 -20.68 15.35
C LEU A 413 -28.79 -20.33 13.87
N PHE A 414 -28.52 -21.32 13.02
CA PHE A 414 -28.57 -21.18 11.58
C PHE A 414 -29.43 -22.28 10.98
N PRO A 415 -30.03 -22.05 9.81
CA PRO A 415 -31.06 -22.97 9.31
C PRO A 415 -30.56 -24.37 9.00
N TYR A 416 -29.33 -24.52 8.53
CA TYR A 416 -28.87 -25.84 8.13
C TYR A 416 -27.84 -26.36 9.11
N THR A 417 -28.19 -26.30 10.38
CA THR A 417 -27.47 -26.97 11.44
C THR A 417 -28.43 -27.91 12.15
N PRO A 418 -27.96 -29.05 12.64
CA PRO A 418 -28.85 -29.94 13.39
C PRO A 418 -29.57 -29.24 14.52
N MET A 419 -28.89 -28.31 15.21
CA MET A 419 -29.53 -27.55 16.28
C MET A 419 -30.67 -26.69 15.75
N GLY A 420 -30.41 -25.92 14.70
CA GLY A 420 -31.47 -25.08 14.14
C GLY A 420 -32.65 -25.91 13.65
N ILE A 421 -32.36 -27.02 12.98
CA ILE A 421 -33.42 -27.89 12.47
C ILE A 421 -34.22 -28.48 13.63
N GLU A 422 -33.53 -29.02 14.64
CA GLU A 422 -34.23 -29.63 15.76
C GLU A 422 -35.04 -28.59 16.55
N ILE A 423 -34.47 -27.40 16.75
CA ILE A 423 -35.22 -26.38 17.49
C ILE A 423 -36.42 -25.91 16.69
N ALA A 424 -36.28 -25.79 15.37
CA ALA A 424 -37.45 -25.49 14.53
C ALA A 424 -38.51 -26.59 14.64
N GLU A 425 -38.08 -27.86 14.66
CA GLU A 425 -39.03 -28.95 14.87
C GLU A 425 -39.78 -28.80 16.19
N GLN A 426 -39.08 -28.42 17.25
CA GLN A 426 -39.74 -28.27 18.53
C GLN A 426 -40.78 -27.16 18.51
N CYS A 427 -40.52 -26.10 17.73
CA CYS A 427 -41.51 -25.04 17.57
C CYS A 427 -42.69 -25.51 16.73
N ALA A 428 -42.42 -26.29 15.68
CA ALA A 428 -43.46 -26.82 14.78
C ALA A 428 -44.37 -25.72 14.26
N GLY A 429 -43.87 -24.48 14.21
CA GLY A 429 -44.64 -23.36 13.71
C GLY A 429 -45.76 -22.87 14.61
N VAL A 430 -45.91 -23.40 15.83
CA VAL A 430 -47.06 -23.08 16.67
C VAL A 430 -46.69 -22.69 18.09
N ARG A 431 -45.41 -22.86 18.46
CA ARG A 431 -44.97 -22.58 19.82
CA ARG A 431 -44.98 -22.59 19.82
C ARG A 431 -43.50 -22.20 19.79
N THR A 432 -43.01 -21.68 20.91
CA THR A 432 -41.59 -21.45 21.04
C THR A 432 -40.92 -22.68 21.68
N ALA A 433 -39.60 -22.71 21.63
CA ALA A 433 -38.87 -23.82 22.18
C ALA A 433 -38.00 -23.35 23.33
N PRO A 434 -37.80 -24.18 24.36
CA PRO A 434 -36.94 -23.76 25.47
C PRO A 434 -35.55 -23.38 24.99
N GLY A 435 -34.99 -22.35 25.60
CA GLY A 435 -33.64 -21.94 25.31
C GLY A 435 -33.50 -21.01 24.13
N LEU A 436 -34.55 -20.85 23.32
CA LEU A 436 -34.53 -19.91 22.21
C LEU A 436 -34.52 -18.48 22.74
N GLN A 437 -33.68 -17.63 22.13
CA GLN A 437 -33.50 -16.28 22.64
C GLN A 437 -33.09 -15.35 21.50
N SER A 438 -33.54 -14.10 21.59
CA SER A 438 -33.02 -13.04 20.75
C SER A 438 -33.16 -11.72 21.49
N ASN A 439 -32.12 -10.88 21.40
CA ASN A 439 -32.11 -9.62 22.13
C ASN A 439 -33.20 -8.67 21.65
N THR A 440 -33.67 -8.81 20.42
CA THR A 440 -34.66 -7.91 19.84
C THR A 440 -36.01 -8.58 19.64
N ALA A 441 -36.24 -9.72 20.29
CA ALA A 441 -37.49 -10.45 20.10
C ALA A 441 -38.65 -9.72 20.75
N ASP A 442 -39.74 -9.55 20.01
CA ASP A 442 -40.98 -9.02 20.54
C ASP A 442 -41.92 -10.19 20.77
N GLY A 443 -41.76 -10.84 21.91
CA GLY A 443 -42.54 -12.00 22.26
C GLY A 443 -41.87 -13.30 21.90
N PRO A 444 -42.59 -14.41 22.07
CA PRO A 444 -42.00 -15.73 21.84
C PRO A 444 -41.57 -15.92 20.39
N ILE A 445 -40.42 -16.55 20.21
CA ILE A 445 -39.88 -16.84 18.89
C ILE A 445 -40.48 -18.16 18.42
N VAL A 446 -41.28 -18.11 17.37
CA VAL A 446 -41.95 -19.29 16.84
C VAL A 446 -41.33 -19.58 15.47
N LEU A 447 -40.46 -20.59 15.42
CA LEU A 447 -39.82 -20.98 14.17
C LEU A 447 -40.68 -22.00 13.43
N LYS A 448 -40.40 -22.13 12.13
CA LYS A 448 -41.07 -23.07 11.26
C LYS A 448 -40.06 -24.03 10.67
N PRO A 449 -40.29 -25.35 10.75
CA PRO A 449 -39.45 -26.29 10.02
C PRO A 449 -39.56 -26.04 8.52
N LEU A 450 -38.50 -26.47 7.81
CA LEU A 450 -38.41 -26.21 6.38
C LEU A 450 -39.64 -26.67 5.62
N ARG A 451 -40.19 -27.84 5.95
CA ARG A 451 -41.34 -28.36 5.22
C ARG A 451 -42.59 -27.51 5.41
N MET A 452 -42.61 -26.65 6.42
CA MET A 452 -43.73 -25.75 6.63
C MET A 452 -43.51 -24.38 6.00
N CYS A 453 -42.36 -24.15 5.37
CA CYS A 453 -42.08 -22.86 4.76
C CYS A 453 -42.41 -22.90 3.28
N ALA A 454 -42.83 -21.74 2.76
CA ALA A 454 -43.18 -21.63 1.36
C ALA A 454 -41.96 -21.60 0.45
N SER A 455 -40.78 -21.32 0.99
CA SER A 455 -39.59 -21.17 0.18
C SER A 455 -38.38 -21.41 1.06
N PRO A 456 -37.23 -21.77 0.46
CA PRO A 456 -35.98 -21.75 1.22
C PRO A 456 -35.70 -20.40 1.86
N ALA A 457 -36.00 -19.30 1.15
CA ALA A 457 -35.75 -17.98 1.74
C ALA A 457 -36.52 -17.79 3.03
N GLU A 458 -37.78 -18.23 3.08
CA GLU A 458 -38.54 -18.10 4.32
C GLU A 458 -37.91 -18.91 5.44
N TYR A 459 -37.51 -20.15 5.14
CA TYR A 459 -36.90 -20.99 6.17
C TYR A 459 -35.59 -20.39 6.67
N GLU A 460 -34.83 -19.76 5.79
CA GLU A 460 -33.52 -19.24 6.18
C GLU A 460 -33.64 -17.91 6.92
N ARG A 461 -34.53 -17.03 6.46
CA ARG A 461 -34.53 -15.67 7.00
C ARG A 461 -35.02 -15.61 8.44
N GLN A 462 -35.84 -16.58 8.87
CA GLN A 462 -36.42 -16.52 10.20
C GLN A 462 -35.36 -16.61 11.30
N PHE A 463 -34.18 -17.13 10.99
CA PHE A 463 -33.14 -17.19 12.01
C PHE A 463 -32.43 -15.87 12.21
N MET A 464 -32.69 -14.87 11.34
CA MET A 464 -32.05 -13.56 11.44
CA MET A 464 -32.06 -13.56 11.48
C MET A 464 -33.03 -12.40 11.47
N PHE A 465 -34.25 -12.57 10.96
CA PHE A 465 -35.22 -11.50 10.85
C PHE A 465 -36.56 -11.94 11.42
N ASP A 466 -37.29 -11.01 12.02
CA ASP A 466 -38.63 -11.33 12.45
C ASP A 466 -39.62 -11.14 11.30
N GLU A 467 -40.91 -11.33 11.61
CA GLU A 467 -41.95 -11.29 10.59
C GLU A 467 -42.06 -9.91 9.93
N HIS A 468 -41.66 -8.86 10.63
CA HIS A 468 -41.73 -7.51 10.10
C HIS A 468 -40.47 -7.09 9.35
N GLY A 469 -39.48 -7.97 9.25
CA GLY A 469 -38.23 -7.64 8.59
C GLY A 469 -37.18 -7.02 9.48
N ASN A 470 -37.46 -6.88 10.78
CA ASN A 470 -36.47 -6.33 11.69
C ASN A 470 -35.43 -7.39 12.05
N PHE A 471 -34.21 -6.94 12.34
CA PHE A 471 -33.18 -7.87 12.80
C PHE A 471 -33.62 -8.54 14.08
N ARG A 472 -33.54 -9.88 14.08
CA ARG A 472 -33.93 -10.69 15.23
C ARG A 472 -33.09 -11.97 15.12
N LEU A 473 -31.81 -11.84 15.50
CA LEU A 473 -30.85 -12.92 15.37
C LEU A 473 -31.12 -13.95 16.46
N VAL A 474 -31.41 -15.18 16.06
CA VAL A 474 -31.89 -16.22 16.97
C VAL A 474 -30.70 -16.98 17.58
N CYS A 475 -30.82 -17.32 18.86
CA CYS A 475 -29.78 -18.02 19.62
C CYS A 475 -30.40 -19.13 20.46
N TYR A 476 -29.53 -20.05 20.88
CA TYR A 476 -29.86 -21.03 21.91
C TYR A 476 -28.89 -20.84 23.08
N PHE A 477 -29.44 -20.91 24.29
CA PHE A 477 -28.65 -20.91 25.51
C PHE A 477 -29.36 -21.78 26.52
N SER A 478 -28.64 -22.75 27.07
CA SER A 478 -29.24 -23.74 27.94
C SER A 478 -30.05 -23.09 29.06
N PRO A 479 -31.33 -23.45 29.21
CA PRO A 479 -32.08 -22.97 30.38
C PRO A 479 -31.45 -23.36 31.71
N GLY A 480 -30.59 -24.38 31.73
CA GLY A 480 -29.87 -24.71 32.95
C GLY A 480 -28.91 -23.64 33.43
N LEU A 481 -28.62 -22.64 32.59
CA LEU A 481 -27.69 -21.57 32.95
C LEU A 481 -28.38 -20.25 33.23
N LEU A 482 -29.71 -20.19 33.18
CA LEU A 482 -30.40 -18.94 33.43
C LEU A 482 -31.10 -18.97 34.78
N PRO A 483 -31.28 -17.81 35.42
CA PRO A 483 -32.11 -17.75 36.63
C PRO A 483 -33.56 -18.12 36.33
N ASP A 484 -34.42 -18.11 37.35
CA ASP A 484 -35.81 -18.44 37.13
C ASP A 484 -36.45 -17.41 36.19
N PRO A 485 -37.21 -17.85 35.19
CA PRO A 485 -37.81 -16.89 34.24
C PRO A 485 -38.84 -15.96 34.85
N ALA A 486 -39.14 -16.10 36.14
CA ALA A 486 -40.10 -15.21 36.80
C ALA A 486 -39.52 -13.84 37.10
N ARG A 487 -38.20 -13.72 37.20
CA ARG A 487 -37.55 -12.43 37.46
C ARG A 487 -37.32 -11.74 36.13
N ALA A 488 -37.99 -10.61 35.93
CA ALA A 488 -37.90 -9.89 34.65
C ALA A 488 -36.55 -9.21 34.51
N ALA A 489 -36.03 -9.18 33.29
CA ALA A 489 -34.74 -8.57 33.01
C ALA A 489 -34.65 -8.26 31.53
N ASP A 490 -33.86 -7.23 31.20
CA ASP A 490 -33.54 -6.97 29.81
C ASP A 490 -32.81 -8.18 29.22
N PRO A 491 -33.05 -8.48 27.95
CA PRO A 491 -32.30 -9.57 27.29
C PRO A 491 -30.80 -9.44 27.42
N GLU A 492 -30.23 -8.24 27.24
CA GLU A 492 -28.78 -8.10 27.36
C GLU A 492 -28.33 -8.20 28.81
N GLU A 493 -29.23 -7.99 29.78
CA GLU A 493 -28.87 -8.13 31.18
C GLU A 493 -28.66 -9.59 31.55
N ARG A 494 -29.50 -10.49 31.03
CA ARG A 494 -29.31 -11.91 31.27
CA ARG A 494 -29.30 -11.91 31.29
C ARG A 494 -27.99 -12.40 30.68
N TRP A 495 -27.67 -11.94 29.47
CA TRP A 495 -26.39 -12.30 28.88
C TRP A 495 -25.23 -11.80 29.74
N HIS A 496 -25.36 -10.58 30.26
CA HIS A 496 -24.32 -10.02 31.11
C HIS A 496 -24.10 -10.89 32.35
N GLY A 497 -25.19 -11.32 32.99
CA GLY A 497 -25.06 -12.18 34.16
C GLY A 497 -24.42 -13.51 33.83
N ALA A 498 -24.76 -14.07 32.67
CA ALA A 498 -24.18 -15.35 32.28
C ALA A 498 -22.68 -15.21 32.03
N VAL A 499 -22.27 -14.12 31.38
CA VAL A 499 -20.85 -13.89 31.14
C VAL A 499 -20.12 -13.68 32.46
N ALA A 500 -20.74 -12.92 33.38
CA ALA A 500 -20.11 -12.68 34.68
C ALA A 500 -19.99 -13.96 35.48
N ASP A 501 -20.98 -14.85 35.39
CA ASP A 501 -20.92 -16.13 36.08
C ASP A 501 -19.71 -16.95 35.62
N LEU A 502 -19.42 -16.92 34.32
CA LEU A 502 -18.29 -17.68 33.81
C LEU A 502 -16.97 -17.08 34.27
N TRP A 503 -16.85 -15.74 34.26
CA TRP A 503 -15.64 -15.10 34.75
C TRP A 503 -15.32 -15.49 36.19
N ALA A 504 -16.36 -15.65 37.01
CA ALA A 504 -16.14 -15.98 38.41
C ALA A 504 -15.51 -17.35 38.62
N LEU A 505 -15.50 -18.20 37.59
CA LEU A 505 -14.92 -19.52 37.72
C LEU A 505 -13.42 -19.55 37.49
N ILE A 506 -12.83 -18.48 36.95
CA ILE A 506 -11.42 -18.47 36.58
C ILE A 506 -10.62 -17.86 37.73
N ASP A 507 -9.60 -18.60 38.18
CA ASP A 507 -8.68 -18.04 39.16
C ASP A 507 -8.00 -16.82 38.55
N PRO A 508 -7.94 -15.70 39.27
CA PRO A 508 -7.29 -14.50 38.70
C PRO A 508 -5.84 -14.73 38.28
N ALA A 509 -5.13 -15.68 38.91
CA ALA A 509 -3.77 -15.98 38.51
C ALA A 509 -3.69 -16.63 37.13
N ASP A 510 -4.84 -17.00 36.55
CA ASP A 510 -4.89 -17.64 35.24
C ASP A 510 -5.41 -16.71 34.14
N HIS A 511 -5.75 -15.46 34.47
CA HIS A 511 -6.32 -14.56 33.46
C HIS A 511 -5.37 -14.35 32.29
N HIS A 512 -4.06 -14.44 32.54
CA HIS A 512 -3.10 -14.23 31.45
C HIS A 512 -3.22 -15.29 30.38
N ARG A 513 -3.72 -16.49 30.72
CA ARG A 513 -3.72 -17.59 29.76
C ARG A 513 -5.13 -18.01 29.35
N VAL A 514 -6.14 -17.17 29.59
CA VAL A 514 -7.50 -17.49 29.18
C VAL A 514 -8.07 -16.37 28.35
N MET A 515 -8.96 -16.73 27.43
CA MET A 515 -9.78 -15.79 26.66
C MET A 515 -11.23 -16.07 27.01
N LEU A 516 -11.90 -15.07 27.58
CA LEU A 516 -13.28 -15.16 28.02
C LEU A 516 -14.12 -14.17 27.26
N PRO A 517 -15.42 -14.44 27.10
CA PRO A 517 -16.30 -13.44 26.51
C PRO A 517 -16.44 -12.26 27.45
N THR A 518 -16.61 -11.08 26.87
CA THR A 518 -16.79 -9.87 27.64
C THR A 518 -17.91 -9.05 27.03
N VAL A 519 -18.52 -8.21 27.87
CA VAL A 519 -19.45 -7.19 27.43
C VAL A 519 -18.93 -5.86 27.98
N GLU A 520 -19.60 -4.76 27.64
CA GLU A 520 -19.18 -3.44 28.11
C GLU A 520 -19.04 -3.40 29.63
N GLY A 521 -17.93 -2.83 30.08
CA GLY A 521 -17.61 -2.72 31.49
C GLY A 521 -16.67 -3.78 32.02
N MET A 522 -16.47 -4.87 31.28
CA MET A 522 -15.67 -5.98 31.75
C MET A 522 -14.21 -5.78 31.38
N SER A 523 -13.34 -6.52 32.07
CA SER A 523 -11.90 -6.37 31.86
C SER A 523 -11.53 -6.70 30.41
N GLU A 524 -10.82 -5.77 29.77
CA GLU A 524 -10.27 -5.97 28.43
C GLU A 524 -11.36 -6.12 27.37
N HIS A 525 -12.55 -5.59 27.63
CA HIS A 525 -13.58 -5.61 26.59
C HIS A 525 -13.15 -4.71 25.44
N ASP A 526 -13.27 -5.23 24.22
CA ASP A 526 -12.86 -4.53 23.01
C ASP A 526 -14.11 -4.00 22.30
N ASN A 527 -14.13 -2.71 22.03
CA ASN A 527 -15.25 -2.03 21.40
C ASN A 527 -14.81 -1.43 20.06
N ASN A 528 -15.78 -0.84 19.35
CA ASN A 528 -15.50 -0.14 18.10
C ASN A 528 -15.28 1.35 18.31
N TYR A 529 -15.22 1.81 19.56
CA TYR A 529 -15.04 3.22 19.90
C TYR A 529 -13.58 3.61 19.97
N ALA A 530 -12.75 2.76 20.56
CA ALA A 530 -11.32 3.04 20.74
C ALA A 530 -10.49 1.88 20.23
N ASP A 531 -9.25 2.19 19.84
CA ASP A 531 -8.35 1.16 19.34
C ASP A 531 -7.89 0.24 20.45
N ASN A 532 -7.56 -0.99 20.06
CA ASN A 532 -7.04 -1.99 20.98
C ASN A 532 -5.54 -1.76 21.16
N PRO A 533 -5.10 -1.33 22.35
CA PRO A 533 -3.66 -1.06 22.54
C PRO A 533 -2.79 -2.28 22.36
N PHE A 534 -3.32 -3.48 22.62
CA PHE A 534 -2.56 -4.70 22.37
C PHE A 534 -2.37 -4.92 20.88
N LEU A 535 -3.42 -4.72 20.09
CA LEU A 535 -3.29 -4.87 18.63
C LEU A 535 -2.30 -3.86 18.07
N THR A 536 -2.39 -2.60 18.52
CA THR A 536 -1.47 -1.57 18.03
C THR A 536 -0.04 -1.87 18.44
N SER A 537 0.15 -2.45 19.63
CA SER A 537 1.49 -2.79 20.08
C SER A 537 2.09 -3.91 19.26
N LEU A 538 1.29 -4.92 18.92
CA LEU A 538 1.77 -6.02 18.09
C LEU A 538 2.26 -5.51 16.74
N GLY A 539 1.47 -4.63 16.11
CA GLY A 539 1.88 -4.09 14.83
C GLY A 539 3.12 -3.21 14.94
N GLY A 540 3.13 -2.32 15.93
CA GLY A 540 4.24 -1.39 16.05
C GLY A 540 5.58 -2.08 16.26
N LEU A 541 5.58 -3.16 17.03
CA LEU A 541 6.80 -3.92 17.29
C LEU A 541 7.06 -5.00 16.26
N GLY A 542 6.20 -5.15 15.27
CA GLY A 542 6.41 -6.17 14.24
C GLY A 542 6.32 -7.59 14.77
N TYR A 543 5.36 -7.86 15.64
CA TYR A 543 5.14 -9.23 16.11
C TYR A 543 4.45 -10.04 15.02
N THR A 544 4.79 -11.33 14.97
CA THR A 544 4.29 -12.21 13.94
C THR A 544 3.50 -13.35 14.58
N GLY A 545 2.73 -14.06 13.74
CA GLY A 545 2.00 -15.22 14.22
C GLY A 545 0.58 -14.91 14.61
N ALA A 546 -0.14 -15.97 14.98
CA ALA A 546 -1.51 -15.81 15.43
C ALA A 546 -1.57 -14.91 16.65
N PHE A 547 -2.64 -14.12 16.72
CA PHE A 547 -2.81 -13.20 17.84
CA PHE A 547 -2.87 -13.21 17.84
C PHE A 547 -2.73 -13.93 19.18
N TRP A 548 -3.33 -15.10 19.28
CA TRP A 548 -3.35 -15.80 20.56
C TRP A 548 -1.98 -16.28 21.00
N SER A 549 -1.01 -16.39 20.08
CA SER A 549 0.33 -16.79 20.48
C SER A 549 1.04 -15.74 21.31
N HIS A 550 0.51 -14.52 21.37
CA HIS A 550 1.08 -13.45 22.18
C HIS A 550 0.16 -13.02 23.31
N TRP A 551 -0.91 -13.79 23.57
CA TRP A 551 -1.87 -13.42 24.60
C TRP A 551 -1.25 -13.47 25.99
N ARG A 552 -0.52 -14.54 26.31
CA ARG A 552 0.08 -14.64 27.65
C ARG A 552 0.93 -13.41 27.98
N GLY A 553 1.66 -12.89 27.01
CA GLY A 553 2.57 -11.79 27.28
C GLY A 553 2.03 -10.43 26.86
N ARG A 554 0.71 -10.27 26.84
CA ARG A 554 0.15 -9.04 26.27
C ARG A 554 0.53 -7.81 27.07
N GLU A 555 0.61 -7.93 28.40
CA GLU A 555 1.01 -6.78 29.19
C GLU A 555 2.46 -6.38 28.90
N GLU A 556 3.35 -7.36 28.78
CA GLU A 556 4.75 -7.07 28.45
C GLU A 556 4.88 -6.48 27.06
N ILE A 557 4.11 -7.00 26.10
CA ILE A 557 4.20 -6.48 24.75
C ILE A 557 3.74 -5.03 24.70
N MET A 558 2.71 -4.69 25.48
CA MET A 558 2.30 -3.29 25.54
C MET A 558 3.33 -2.43 26.25
N ARG A 559 3.97 -2.97 27.30
CA ARG A 559 5.04 -2.21 27.94
C ARG A 559 6.19 -1.97 26.98
N LYS A 560 6.58 -3.01 26.22
CA LYS A 560 7.71 -2.87 25.32
C LYS A 560 7.40 -1.92 24.17
N ALA A 561 6.13 -1.88 23.73
CA ALA A 561 5.74 -0.94 22.70
C ALA A 561 5.81 0.50 23.20
N ARG A 562 5.41 0.73 24.46
CA ARG A 562 5.60 2.05 25.06
C ARG A 562 7.08 2.40 25.10
N GLU A 563 7.93 1.43 25.47
CA GLU A 563 9.37 1.66 25.55
C GLU A 563 9.97 1.97 24.19
N ALA A 564 9.61 1.20 23.17
CA ALA A 564 10.18 1.42 21.84
C ALA A 564 9.76 2.76 21.27
N ALA A 565 8.50 3.17 21.51
CA ALA A 565 8.03 4.45 21.00
C ALA A 565 8.80 5.60 21.63
N ALA A 566 9.16 5.47 22.91
CA ALA A 566 9.90 6.53 23.58
C ALA A 566 11.36 6.55 23.15
N GLN A 567 11.92 5.39 22.82
CA GLN A 567 13.33 5.31 22.44
C GLN A 567 13.53 5.78 21.00
N MET B 1 47.29 33.54 7.62
CA MET B 1 46.15 32.70 7.26
C MET B 1 45.74 32.95 5.81
N SER B 2 44.71 32.23 5.36
CA SER B 2 44.22 32.36 3.99
C SER B 2 42.72 32.58 4.01
N ARG B 3 42.24 33.37 3.04
CA ARG B 3 40.80 33.59 2.89
C ARG B 3 40.31 33.12 1.52
N LEU B 4 41.08 32.26 0.85
CA LEU B 4 40.74 31.81 -0.49
C LEU B 4 39.89 30.54 -0.41
N VAL B 5 38.71 30.58 -1.03
CA VAL B 5 37.82 29.44 -1.14
C VAL B 5 37.70 29.07 -2.61
N LEU B 6 37.92 27.79 -2.93
CA LEU B 6 37.71 27.27 -4.27
C LEU B 6 36.37 26.56 -4.33
N LEU B 7 35.60 26.84 -5.37
CA LEU B 7 34.33 26.14 -5.64
C LEU B 7 34.46 25.43 -6.99
N VAL B 8 34.16 24.14 -7.00
CA VAL B 8 34.34 23.30 -8.19
C VAL B 8 32.99 22.86 -8.71
N ASN B 9 32.76 23.03 -10.02
CA ASN B 9 31.60 22.44 -10.66
C ASN B 9 32.02 21.17 -11.38
N PRO B 10 31.65 19.98 -10.89
CA PRO B 10 31.98 18.73 -11.58
C PRO B 10 30.95 18.30 -12.61
N ASN B 11 29.90 19.07 -12.80
CA ASN B 11 28.83 18.68 -13.71
C ASN B 11 29.37 18.57 -15.13
N LYS B 12 29.32 17.37 -15.69
CA LYS B 12 29.78 17.12 -17.04
C LYS B 12 28.63 16.89 -18.02
N VAL B 13 27.39 17.17 -17.62
CA VAL B 13 26.24 16.93 -18.48
C VAL B 13 26.16 18.02 -19.54
N HIS B 14 26.03 17.62 -20.79
CA HIS B 14 25.61 18.51 -21.86
C HIS B 14 24.27 18.07 -22.42
N PRO B 15 23.40 18.99 -22.85
CA PRO B 15 23.57 20.45 -22.91
C PRO B 15 23.82 21.10 -21.55
N PRO B 16 24.70 22.10 -21.53
CA PRO B 16 25.22 22.60 -20.25
C PRO B 16 24.26 23.56 -19.57
N ILE B 17 24.20 23.46 -18.25
CA ILE B 17 23.36 24.29 -17.39
C ILE B 17 24.27 24.96 -16.39
N ALA B 18 24.21 26.29 -16.32
CA ALA B 18 25.09 27.03 -15.43
C ALA B 18 24.88 26.59 -13.99
N PRO B 19 25.96 26.36 -13.23
CA PRO B 19 25.88 25.98 -11.79
C PRO B 19 25.53 27.19 -10.94
N TYR B 20 24.23 27.51 -10.97
CA TYR B 20 23.70 28.67 -10.28
C TYR B 20 24.09 28.68 -8.80
N ALA B 21 24.16 27.50 -8.19
CA ALA B 21 24.57 27.39 -6.79
C ALA B 21 25.86 28.14 -6.52
N LEU B 22 26.83 28.05 -7.43
CA LEU B 22 28.12 28.66 -7.16
C LEU B 22 28.05 30.19 -7.19
N ASP B 23 27.14 30.76 -7.98
CA ASP B 23 26.94 32.21 -7.93
C ASP B 23 26.35 32.64 -6.60
N VAL B 24 25.40 31.87 -6.08
CA VAL B 24 24.84 32.17 -4.76
C VAL B 24 25.93 32.11 -3.70
N LEU B 25 26.72 31.04 -3.73
CA LEU B 25 27.78 30.87 -2.72
C LEU B 25 28.87 31.91 -2.88
N THR B 26 29.23 32.25 -4.13
CA THR B 26 30.27 33.26 -4.34
C THR B 26 29.85 34.59 -3.75
N THR B 27 28.60 35.00 -4.00
CA THR B 27 28.10 36.27 -3.48
C THR B 27 28.20 36.32 -1.96
N ALA B 28 27.72 35.28 -1.28
CA ALA B 28 27.74 35.27 0.17
C ALA B 28 29.17 35.30 0.70
N LEU B 29 30.05 34.47 0.14
CA LEU B 29 31.43 34.41 0.63
C LEU B 29 32.15 35.72 0.38
N GLU B 30 31.98 36.31 -0.80
CA GLU B 30 32.62 37.59 -1.07
C GLU B 30 32.10 38.68 -0.15
N ASP B 31 30.79 38.69 0.11
CA ASP B 31 30.23 39.71 0.99
C ASP B 31 30.76 39.57 2.42
N GLU B 32 31.18 38.37 2.81
CA GLU B 32 31.75 38.15 4.13
C GLU B 32 33.26 38.29 4.15
N GLY B 33 33.87 38.77 3.06
CA GLY B 33 35.28 39.09 3.05
C GLY B 33 36.21 38.01 2.56
N PHE B 34 35.68 36.96 1.94
CA PHE B 34 36.50 35.89 1.41
C PHE B 34 36.78 36.11 -0.07
N GLU B 35 37.90 35.56 -0.54
CA GLU B 35 38.21 35.50 -1.95
C GLU B 35 37.71 34.17 -2.49
N VAL B 36 37.01 34.21 -3.63
CA VAL B 36 36.38 33.04 -4.20
C VAL B 36 36.88 32.81 -5.63
N GLU B 37 37.30 31.59 -5.92
CA GLU B 37 37.60 31.18 -7.28
C GLU B 37 36.77 29.96 -7.65
N VAL B 38 36.25 29.95 -8.87
CA VAL B 38 35.41 28.88 -9.37
C VAL B 38 36.19 28.13 -10.44
N LEU B 39 36.18 26.81 -10.35
CA LEU B 39 36.78 25.93 -11.35
C LEU B 39 35.63 25.14 -11.96
N ASP B 40 35.23 25.51 -13.19
CA ASP B 40 34.07 24.93 -13.84
C ASP B 40 34.55 23.90 -14.86
N LEU B 41 34.27 22.63 -14.58
CA LEU B 41 34.75 21.54 -15.43
C LEU B 41 33.78 21.18 -16.54
N THR B 42 32.62 21.83 -16.62
CA THR B 42 31.62 21.46 -17.63
C THR B 42 32.18 21.58 -19.03
N PHE B 43 32.91 22.66 -19.31
CA PHE B 43 33.51 22.83 -20.63
C PHE B 43 34.94 22.30 -20.70
N ARG B 44 35.35 21.47 -19.75
CA ARG B 44 36.65 20.80 -19.77
C ARG B 44 36.48 19.30 -19.54
N ARG B 45 35.40 18.73 -20.09
CA ARG B 45 35.07 17.33 -19.87
C ARG B 45 36.21 16.40 -20.29
N ASP B 46 36.89 16.73 -21.38
CA ASP B 46 37.86 15.82 -21.95
C ASP B 46 39.24 15.95 -21.34
N ASP B 47 39.46 16.94 -20.47
CA ASP B 47 40.77 17.12 -19.87
C ASP B 47 40.64 17.77 -18.49
N TRP B 48 39.63 17.36 -17.71
CA TRP B 48 39.39 18.03 -16.44
C TRP B 48 40.55 17.83 -15.46
N LYS B 49 41.27 16.73 -15.56
CA LYS B 49 42.44 16.54 -14.71
C LYS B 49 43.50 17.59 -14.99
N THR B 50 43.71 17.91 -16.28
CA THR B 50 44.62 18.98 -16.66
C THR B 50 44.20 20.30 -16.01
N CYS B 51 42.90 20.59 -16.04
CA CYS B 51 42.39 21.80 -15.39
C CYS B 51 42.70 21.80 -13.90
N LEU B 52 42.46 20.66 -13.23
CA LEU B 52 42.76 20.57 -11.80
C LEU B 52 44.26 20.69 -11.54
N HIS B 53 45.07 20.00 -12.33
CA HIS B 53 46.51 20.04 -12.13
C HIS B 53 47.05 21.46 -12.25
N GLU B 54 46.57 22.21 -13.26
CA GLU B 54 47.00 23.60 -13.41
C GLU B 54 46.61 24.43 -12.19
N TYR B 55 45.36 24.29 -11.73
CA TYR B 55 44.88 25.19 -10.67
C TYR B 55 45.67 24.99 -9.38
N PHE B 56 45.79 23.74 -8.91
CA PHE B 56 46.36 23.52 -7.59
C PHE B 56 47.87 23.73 -7.56
N ALA B 57 48.53 23.74 -8.70
CA ALA B 57 49.94 24.11 -8.71
C ALA B 57 50.12 25.60 -8.49
N GLU B 58 49.14 26.40 -8.92
CA GLU B 58 49.20 27.85 -8.85
C GLU B 58 48.51 28.43 -7.61
N ARG B 59 47.51 27.74 -7.06
CA ARG B 59 46.69 28.28 -5.99
C ARG B 59 46.58 27.29 -4.85
N SER B 60 46.48 27.81 -3.63
CA SER B 60 46.36 27.00 -2.42
C SER B 60 45.15 27.48 -1.61
N PRO B 61 43.94 27.14 -2.05
CA PRO B 61 42.76 27.51 -1.28
C PRO B 61 42.74 26.79 0.06
N MET B 62 42.15 27.42 1.07
CA MET B 62 42.06 26.79 2.38
C MET B 62 40.78 25.98 2.54
N LEU B 63 39.88 26.03 1.57
CA LEU B 63 38.65 25.26 1.59
C LEU B 63 38.23 25.00 0.15
N VAL B 64 37.77 23.78 -0.11
CA VAL B 64 37.32 23.39 -1.45
C VAL B 64 35.88 22.92 -1.34
N GLY B 65 34.98 23.63 -2.02
CA GLY B 65 33.58 23.24 -2.08
C GLY B 65 33.29 22.61 -3.43
N VAL B 66 32.50 21.53 -3.41
CA VAL B 66 32.10 20.84 -4.63
C VAL B 66 30.59 20.78 -4.68
N THR B 67 29.99 21.32 -5.75
CA THR B 67 28.55 21.27 -5.88
C THR B 67 28.13 20.00 -6.62
N VAL B 68 27.24 19.23 -5.99
CA VAL B 68 26.77 17.99 -6.59
C VAL B 68 25.29 18.15 -6.88
N ARG B 69 24.99 18.54 -8.12
CA ARG B 69 23.62 18.89 -8.49
C ARG B 69 22.76 17.66 -8.76
N ASN B 70 23.30 16.68 -9.48
CA ASN B 70 22.55 15.49 -9.88
C ASN B 70 23.24 14.26 -9.33
N THR B 71 22.47 13.37 -8.70
CA THR B 71 23.03 12.09 -8.29
C THR B 71 23.02 11.10 -9.45
N ASP B 72 22.01 11.19 -10.29
CA ASP B 72 21.84 10.34 -11.46
C ASP B 72 20.86 11.06 -12.38
N THR B 73 20.53 10.44 -13.50
CA THR B 73 19.58 11.07 -14.42
C THR B 73 18.16 11.06 -13.87
N VAL B 74 17.87 10.19 -12.89
CA VAL B 74 16.60 10.11 -12.17
C VAL B 74 15.53 9.48 -13.06
N TYR B 75 15.88 9.15 -14.30
CA TYR B 75 14.98 8.36 -15.14
C TYR B 75 15.06 6.89 -14.75
N ALA B 76 13.92 6.33 -14.32
CA ALA B 76 13.91 4.98 -13.76
C ALA B 76 14.33 3.94 -14.79
N PHE B 77 14.01 4.16 -16.06
CA PHE B 77 14.38 3.21 -17.09
C PHE B 77 15.86 3.27 -17.42
N GLU B 78 16.57 4.32 -16.99
CA GLU B 78 17.98 4.53 -17.32
C GLU B 78 18.92 4.08 -16.21
N GLN B 79 18.70 4.54 -14.98
CA GLN B 79 19.55 4.17 -13.82
C GLN B 79 21.02 4.45 -14.13
N ARG B 80 21.29 5.69 -14.52
CA ARG B 80 22.63 6.15 -14.89
CA ARG B 80 22.63 6.15 -14.89
C ARG B 80 23.16 7.08 -13.81
N PRO B 81 24.06 6.62 -12.96
CA PRO B 81 24.54 7.48 -11.86
C PRO B 81 25.61 8.45 -12.32
N PHE B 82 25.66 9.59 -11.62
CA PHE B 82 26.74 10.55 -11.78
C PHE B 82 27.71 10.58 -10.60
N VAL B 83 27.35 10.01 -9.45
CA VAL B 83 28.18 10.18 -8.27
C VAL B 83 29.51 9.45 -8.40
N GLY B 84 29.60 8.42 -9.24
CA GLY B 84 30.89 7.79 -9.48
C GLY B 84 31.84 8.72 -10.19
N GLU B 85 31.36 9.44 -11.20
CA GLU B 85 32.17 10.45 -11.87
C GLU B 85 32.49 11.60 -10.92
N HIS B 86 31.55 11.98 -10.06
CA HIS B 86 31.84 13.01 -9.07
C HIS B 86 32.96 12.55 -8.13
N ARG B 87 32.91 11.29 -7.70
CA ARG B 87 33.93 10.80 -6.78
CA ARG B 87 33.93 10.78 -6.79
C ARG B 87 35.30 10.79 -7.44
N GLU B 88 35.37 10.44 -8.73
CA GLU B 88 36.64 10.47 -9.44
C GLU B 88 37.25 11.86 -9.42
N ILE B 89 36.43 12.89 -9.62
CA ILE B 89 36.92 14.26 -9.58
C ILE B 89 37.38 14.63 -8.17
N ILE B 90 36.59 14.27 -7.16
CA ILE B 90 36.96 14.58 -5.79
C ILE B 90 38.22 13.85 -5.37
N THR B 91 38.37 12.59 -5.81
CA THR B 91 39.56 11.83 -5.44
C THR B 91 40.81 12.48 -6.01
N GLU B 92 40.73 13.00 -7.24
CA GLU B 92 41.86 13.72 -7.82
C GLU B 92 42.15 15.01 -7.07
N ILE B 93 41.09 15.74 -6.67
CA ILE B 93 41.28 16.95 -5.88
C ILE B 93 42.08 16.65 -4.62
N ARG B 94 41.70 15.59 -3.92
CA ARG B 94 42.35 15.27 -2.65
C ARG B 94 43.79 14.80 -2.83
N ARG B 95 44.16 14.35 -4.02
CA ARG B 95 45.56 14.05 -4.29
C ARG B 95 46.40 15.31 -4.44
N LEU B 96 45.76 16.45 -4.71
CA LEU B 96 46.47 17.67 -5.06
C LEU B 96 46.51 18.69 -3.92
N THR B 97 45.68 18.54 -2.90
CA THR B 97 45.62 19.50 -1.81
C THR B 97 45.19 18.77 -0.53
N ASP B 98 45.66 19.29 0.61
CA ASP B 98 45.16 18.85 1.90
C ASP B 98 44.05 19.73 2.44
N ALA B 99 43.62 20.73 1.68
CA ALA B 99 42.51 21.56 2.12
C ALA B 99 41.27 20.69 2.30
N PRO B 100 40.46 20.95 3.32
CA PRO B 100 39.24 20.16 3.50
C PRO B 100 38.29 20.40 2.35
N VAL B 101 37.50 19.38 2.03
CA VAL B 101 36.50 19.44 0.98
C VAL B 101 35.12 19.43 1.63
N VAL B 102 34.25 20.34 1.19
CA VAL B 102 32.86 20.35 1.63
C VAL B 102 31.97 20.16 0.41
N GLY B 103 30.97 19.30 0.56
CA GLY B 103 30.02 19.02 -0.50
C GLY B 103 28.67 19.66 -0.22
N GLY B 104 27.94 19.94 -1.29
CA GLY B 104 26.59 20.48 -1.22
C GLY B 104 25.94 20.30 -2.56
N GLY B 105 24.68 20.70 -2.66
CA GLY B 105 23.93 20.55 -3.89
C GLY B 105 22.53 20.04 -3.61
N ILE B 106 21.64 20.23 -4.59
CA ILE B 106 20.30 19.69 -4.45
C ILE B 106 20.34 18.16 -4.49
N GLY B 107 20.92 17.58 -5.54
CA GLY B 107 21.09 16.14 -5.55
C GLY B 107 21.87 15.64 -4.35
N PHE B 108 22.92 16.37 -3.96
CA PHE B 108 23.69 16.02 -2.77
C PHE B 108 22.80 15.95 -1.53
N SER B 109 21.90 16.92 -1.38
CA SER B 109 21.03 17.00 -0.21
C SER B 109 19.98 15.90 -0.14
N THR B 110 19.80 15.08 -1.19
CA THR B 110 18.90 13.94 -1.08
C THR B 110 19.55 12.78 -0.34
N MET B 111 20.86 12.76 -0.23
CA MET B 111 21.56 11.68 0.46
C MET B 111 22.92 12.20 0.94
N PRO B 112 22.95 13.24 1.77
CA PRO B 112 24.24 13.90 2.04
C PRO B 112 25.15 13.11 2.95
N PHE B 113 24.60 12.36 3.92
CA PHE B 113 25.47 11.55 4.77
C PHE B 113 26.11 10.43 3.97
N ALA B 114 25.34 9.74 3.14
CA ALA B 114 25.89 8.71 2.27
C ALA B 114 26.98 9.27 1.36
N LEU B 115 26.76 10.47 0.81
CA LEU B 115 27.71 11.00 -0.14
C LEU B 115 28.97 11.54 0.53
N VAL B 116 28.85 12.15 1.72
CA VAL B 116 30.05 12.54 2.46
C VAL B 116 30.95 11.33 2.69
N GLU B 117 30.35 10.20 3.09
CA GLU B 117 31.16 9.01 3.34
C GLU B 117 31.65 8.39 2.04
N TYR B 118 30.80 8.34 1.01
CA TYR B 118 31.18 7.77 -0.28
C TYR B 118 32.32 8.57 -0.92
N PHE B 119 32.20 9.90 -0.92
CA PHE B 119 33.23 10.75 -1.51
C PHE B 119 34.49 10.81 -0.65
N GLY B 120 34.39 10.46 0.63
CA GLY B 120 35.54 10.54 1.51
C GLY B 120 35.95 11.95 1.86
N ILE B 121 34.98 12.87 1.98
CA ILE B 121 35.27 14.27 2.18
C ILE B 121 34.96 14.65 3.63
N GLU B 122 35.44 15.82 4.03
CA GLU B 122 35.36 16.23 5.43
C GLU B 122 33.97 16.71 5.81
N TYR B 123 33.30 17.46 4.93
CA TYR B 123 32.11 18.19 5.35
C TYR B 123 31.02 18.08 4.30
N GLY B 124 29.78 18.23 4.76
CA GLY B 124 28.64 18.27 3.85
C GLY B 124 27.61 19.25 4.38
N VAL B 125 26.81 19.77 3.46
CA VAL B 125 25.72 20.68 3.79
C VAL B 125 24.47 20.18 3.09
N LYS B 126 23.37 20.10 3.84
CA LYS B 126 22.07 19.72 3.32
C LYS B 126 21.21 20.97 3.21
N GLY B 127 20.72 21.28 2.01
CA GLY B 127 19.91 22.45 1.79
C GLY B 127 20.75 23.66 1.38
N PRO B 128 20.16 24.85 1.43
CA PRO B 128 20.89 26.07 1.03
C PRO B 128 22.19 26.22 1.81
N GLY B 129 23.24 26.60 1.10
CA GLY B 129 24.56 26.55 1.72
C GLY B 129 25.25 27.88 2.01
N GLU B 130 24.67 28.99 1.54
CA GLU B 130 25.40 30.26 1.53
C GLU B 130 25.79 30.72 2.94
N LYS B 131 24.91 30.49 3.93
CA LYS B 131 25.23 30.95 5.28
C LYS B 131 26.14 29.97 6.00
N ILE B 132 25.82 28.68 5.93
CA ILE B 132 26.65 27.65 6.57
C ILE B 132 28.06 27.68 6.01
N LEU B 133 28.19 27.84 4.69
CA LEU B 133 29.52 27.84 4.07
C LEU B 133 30.37 28.99 4.57
N CYS B 134 29.76 30.15 4.80
CA CYS B 134 30.51 31.28 5.34
C CYS B 134 31.02 30.98 6.74
N GLU B 135 30.18 30.34 7.56
CA GLU B 135 30.63 29.97 8.91
C GLU B 135 31.76 28.96 8.84
N LEU B 136 31.65 27.99 7.92
CA LEU B 136 32.72 27.01 7.75
C LEU B 136 34.00 27.69 7.28
N ALA B 137 33.91 28.55 6.28
CA ALA B 137 35.10 29.26 5.81
C ALA B 137 35.75 30.07 6.92
N THR B 138 34.95 30.67 7.79
CA THR B 138 35.52 31.44 8.89
C THR B 138 36.26 30.54 9.87
N ALA B 139 35.66 29.41 10.23
CA ALA B 139 36.30 28.48 11.16
C ALA B 139 37.61 27.96 10.60
N ILE B 140 37.60 27.53 9.34
CA ILE B 140 38.82 26.98 8.72
C ILE B 140 39.90 28.06 8.65
N SER B 141 39.53 29.24 8.17
CA SER B 141 40.50 30.32 8.02
C SER B 141 41.16 30.66 9.35
N GLU B 142 40.40 30.59 10.44
CA GLU B 142 40.91 30.90 11.77
CA GLU B 142 40.91 30.90 11.77
C GLU B 142 41.53 29.68 12.46
N GLY B 143 41.60 28.54 11.77
CA GLY B 143 42.17 27.35 12.38
C GLY B 143 41.36 26.80 13.54
N ARG B 144 40.04 26.92 13.47
CA ARG B 144 39.16 26.53 14.56
CA ARG B 144 39.17 26.52 14.57
C ARG B 144 38.45 25.21 14.26
N ASP B 145 37.92 24.61 15.32
CA ASP B 145 37.06 23.45 15.23
C ASP B 145 35.75 23.82 14.54
N THR B 146 35.18 22.86 13.81
CA THR B 146 33.89 23.04 13.16
C THR B 146 32.73 22.42 13.92
N ALA B 147 32.96 21.94 15.15
CA ALA B 147 31.95 21.18 15.88
C ALA B 147 30.77 22.02 16.33
N GLY B 148 30.86 23.35 16.26
CA GLY B 148 29.78 24.21 16.66
C GLY B 148 29.05 24.91 15.54
N ILE B 149 29.23 24.50 14.29
CA ILE B 149 28.58 25.14 13.15
C ILE B 149 27.22 24.46 12.97
N PRO B 150 26.11 25.15 13.24
CA PRO B 150 24.80 24.49 13.15
C PRO B 150 24.54 23.97 11.75
N GLY B 151 24.03 22.73 11.68
CA GLY B 151 23.65 22.10 10.44
C GLY B 151 24.75 21.37 9.71
N LEU B 152 26.01 21.63 10.05
CA LEU B 152 27.12 21.08 9.29
C LEU B 152 27.22 19.57 9.48
N ILE B 153 27.34 18.83 8.38
CA ILE B 153 27.67 17.40 8.42
C ILE B 153 29.18 17.27 8.43
N ARG B 154 29.70 16.50 9.39
CA ARG B 154 31.13 16.33 9.61
C ARG B 154 31.49 14.86 9.48
N ASN B 155 32.48 14.54 8.66
CA ASN B 155 32.89 13.15 8.47
C ASN B 155 33.85 12.81 9.60
N THR B 156 33.34 12.14 10.63
CA THR B 156 34.19 11.71 11.74
C THR B 156 34.79 10.34 11.42
N GLU B 157 35.66 9.85 12.30
CA GLU B 157 36.28 8.56 12.06
C GLU B 157 35.27 7.42 12.03
N ARG B 158 34.11 7.60 12.65
CA ARG B 158 33.08 6.56 12.65
C ARG B 158 31.93 6.84 11.69
N GLY B 159 32.06 7.87 10.85
CA GLY B 159 31.04 8.17 9.86
C GLY B 159 30.56 9.60 9.98
N ALA B 160 29.63 9.95 9.09
CA ALA B 160 29.14 11.32 9.03
C ALA B 160 28.15 11.58 10.16
N VAL B 161 28.36 12.68 10.87
CA VAL B 161 27.52 13.09 11.99
C VAL B 161 27.25 14.58 11.84
N ARG B 162 26.01 15.00 12.11
CA ARG B 162 25.59 16.37 11.89
C ARG B 162 25.59 17.16 13.20
N VAL B 163 26.10 18.39 13.13
CA VAL B 163 25.94 19.32 14.26
C VAL B 163 24.47 19.73 14.35
N PRO B 164 23.86 19.71 15.53
CA PRO B 164 22.42 20.03 15.62
C PRO B 164 22.15 21.45 15.18
N PRO B 165 21.01 21.70 14.51
CA PRO B 165 20.63 23.06 14.11
C PRO B 165 20.29 23.96 15.29
N PRO B 177 17.77 13.72 22.36
CA PRO B 177 18.76 13.91 21.28
C PRO B 177 18.14 14.46 20.00
N ALA B 178 18.96 15.15 19.21
CA ALA B 178 18.49 15.74 17.96
C ALA B 178 18.21 14.65 16.93
N GLU B 179 17.31 14.96 15.99
CA GLU B 179 17.05 14.02 14.91
C GLU B 179 18.29 13.93 14.03
N PRO B 180 18.85 12.73 13.83
CA PRO B 180 20.19 12.64 13.20
C PRO B 180 20.27 12.96 11.72
N THR B 181 19.20 12.79 10.96
CA THR B 181 19.28 13.01 9.51
C THR B 181 19.04 14.45 9.09
N GLY B 182 18.52 15.31 9.97
CA GLY B 182 18.10 16.63 9.56
C GLY B 182 16.99 16.65 8.53
N GLN B 183 16.18 15.59 8.47
CA GLN B 183 15.17 15.48 7.43
C GLN B 183 14.01 16.45 7.68
N PHE B 184 13.45 16.94 6.58
CA PHE B 184 12.20 17.71 6.54
C PHE B 184 12.21 18.87 7.53
N GLU B 185 13.29 19.66 7.49
CA GLU B 185 13.39 20.92 8.19
C GLU B 185 13.01 22.08 7.28
N PRO B 186 12.58 23.22 7.84
CA PRO B 186 12.22 24.36 6.99
C PRO B 186 13.42 24.93 6.23
N ARG B 187 14.58 25.02 6.88
CA ARG B 187 15.83 25.50 6.31
C ARG B 187 15.78 26.95 5.86
N VAL B 188 14.75 27.70 6.25
CA VAL B 188 14.67 29.11 5.86
C VAL B 188 15.87 29.88 6.39
N TRP B 189 16.33 29.56 7.61
CA TRP B 189 17.47 30.28 8.18
C TRP B 189 18.74 30.13 7.35
N GLN B 190 18.81 29.11 6.49
CA GLN B 190 20.00 28.87 5.69
C GLN B 190 20.04 29.74 4.44
N VAL B 191 18.92 30.38 4.09
CA VAL B 191 18.77 31.09 2.82
C VAL B 191 19.18 32.55 3.00
N ASP B 192 19.98 33.06 2.06
CA ASP B 192 20.23 34.50 1.95
C ASP B 192 19.05 35.12 1.23
N GLN B 193 18.13 35.70 1.99
CA GLN B 193 16.90 36.27 1.45
C GLN B 193 17.04 37.73 1.04
N LEU B 194 18.22 38.33 1.22
CA LEU B 194 18.41 39.77 1.03
C LEU B 194 19.22 40.13 -0.21
N SER B 195 20.33 39.43 -0.45
CA SER B 195 21.31 39.90 -1.42
C SER B 195 20.86 39.65 -2.86
N VAL B 196 21.37 40.49 -3.76
CA VAL B 196 21.35 40.17 -5.19
C VAL B 196 22.48 39.19 -5.46
N TYR B 197 22.17 38.06 -6.06
CA TYR B 197 23.20 37.10 -6.43
C TYR B 197 23.91 37.62 -7.67
N ARG B 198 25.22 37.84 -7.57
CA ARG B 198 25.95 38.44 -8.67
C ARG B 198 26.16 37.39 -9.76
N ARG B 199 25.73 37.72 -10.98
CA ARG B 199 25.80 36.81 -12.12
C ARG B 199 26.75 37.43 -13.14
N ARG B 200 27.92 36.83 -13.32
CA ARG B 200 28.97 37.40 -14.14
C ARG B 200 29.14 36.62 -15.44
N SER B 201 29.77 37.27 -16.41
CA SER B 201 30.08 36.66 -17.68
C SER B 201 31.46 37.09 -18.14
N GLY B 202 32.21 36.16 -18.73
CA GLY B 202 33.54 36.45 -19.23
C GLY B 202 34.57 36.75 -18.17
N VAL B 203 34.30 36.47 -16.91
CA VAL B 203 35.23 36.74 -15.82
C VAL B 203 35.95 35.43 -15.48
N PRO B 204 37.27 35.38 -15.56
CA PRO B 204 37.98 34.14 -15.21
C PRO B 204 37.69 33.72 -13.78
N ARG B 205 37.58 32.40 -13.57
CA ARG B 205 37.38 31.79 -12.26
C ARG B 205 36.11 32.30 -11.57
N LYS B 206 35.11 32.67 -12.37
CA LYS B 206 33.75 32.88 -11.92
C LYS B 206 32.84 32.18 -12.91
N VAL B 207 31.64 31.78 -12.47
CA VAL B 207 30.69 31.15 -13.39
C VAL B 207 30.46 32.07 -14.57
N ASP B 208 30.62 31.52 -15.77
CA ASP B 208 30.50 32.28 -17.03
C ASP B 208 29.07 32.10 -17.55
N ASN B 209 28.18 33.00 -17.13
CA ASN B 209 26.77 32.81 -17.43
C ASN B 209 26.47 32.97 -18.91
N LEU B 210 27.13 33.91 -19.58
CA LEU B 210 26.87 34.08 -21.02
C LEU B 210 27.36 32.87 -21.81
N GLU B 211 28.47 32.26 -21.40
CA GLU B 211 28.94 31.06 -22.07
C GLU B 211 27.88 29.96 -22.04
N TYR B 212 27.25 29.76 -20.87
CA TYR B 212 26.17 28.79 -20.78
C TYR B 212 24.98 29.20 -21.66
N TYR B 213 24.67 30.49 -21.68
CA TYR B 213 23.52 30.96 -22.45
C TYR B 213 23.71 30.73 -23.95
N ARG B 214 24.92 30.99 -24.45
CA ARG B 214 25.20 30.78 -25.86
CA ARG B 214 25.19 30.78 -25.87
C ARG B 214 25.20 29.31 -26.25
N ARG B 215 25.44 28.42 -25.30
CA ARG B 215 25.43 26.98 -25.55
C ARG B 215 24.08 26.35 -25.19
N GLY B 216 23.05 27.17 -24.98
CA GLY B 216 21.69 26.70 -24.78
C GLY B 216 21.20 26.72 -23.36
N GLY B 217 22.08 27.05 -22.39
CA GLY B 217 21.70 27.05 -20.99
C GLY B 217 21.02 28.34 -20.59
N LEU B 218 19.70 28.30 -20.47
CA LEU B 218 18.93 29.51 -20.20
C LEU B 218 19.38 30.17 -18.90
N GLY B 219 19.13 31.47 -18.82
CA GLY B 219 19.27 32.15 -17.55
C GLY B 219 18.44 31.48 -16.47
N SER B 220 18.98 31.45 -15.25
CA SER B 220 18.29 30.90 -14.11
C SER B 220 18.03 32.02 -13.12
N ILE B 221 16.86 31.99 -12.48
CA ILE B 221 16.55 32.98 -11.45
C ILE B 221 15.76 32.28 -10.35
N LEU B 222 16.25 32.42 -9.12
CA LEU B 222 15.58 31.88 -7.94
C LEU B 222 14.75 33.00 -7.31
N THR B 223 13.49 32.70 -6.99
CA THR B 223 12.68 33.68 -6.28
C THR B 223 12.37 33.28 -4.85
N LYS B 224 12.42 31.98 -4.53
CA LYS B 224 12.14 31.51 -3.18
CA LYS B 224 12.13 31.49 -3.18
C LYS B 224 12.64 30.08 -3.06
N ASN B 225 13.22 29.75 -1.90
CA ASN B 225 13.68 28.40 -1.64
C ASN B 225 12.61 27.59 -0.92
N GLY B 226 12.46 26.34 -1.33
CA GLY B 226 11.72 25.35 -0.56
C GLY B 226 10.37 25.02 -1.17
N CYS B 227 9.73 24.01 -0.59
CA CYS B 227 8.36 23.65 -0.93
C CYS B 227 7.65 23.16 0.32
N ALA B 228 6.44 23.68 0.56
CA ALA B 228 5.68 23.32 1.75
C ALA B 228 4.76 22.12 1.54
N TYR B 229 4.66 21.58 0.33
CA TYR B 229 3.84 20.39 0.12
C TYR B 229 4.67 19.15 0.45
N ARG B 230 4.14 17.96 0.16
CA ARG B 230 4.81 16.73 0.57
C ARG B 230 4.47 15.62 -0.42
N CYS B 231 4.65 15.89 -1.71
CA CYS B 231 4.32 14.91 -2.73
C CYS B 231 5.16 13.66 -2.57
N SER B 232 4.52 12.50 -2.74
CA SER B 232 5.12 11.25 -2.30
C SER B 232 6.37 10.89 -3.10
N HIS B 233 6.52 11.41 -4.31
CA HIS B 233 7.63 11.08 -5.18
C HIS B 233 8.79 12.06 -5.07
N CYS B 234 8.66 13.12 -4.28
CA CYS B 234 9.46 14.33 -4.48
C CYS B 234 10.49 14.52 -3.36
N VAL B 235 11.74 14.77 -3.77
CA VAL B 235 12.85 14.99 -2.84
C VAL B 235 12.96 16.42 -2.34
N GLU B 236 12.22 17.36 -2.92
CA GLU B 236 12.56 18.76 -2.74
C GLU B 236 12.13 19.33 -1.38
N PRO B 237 10.97 18.96 -0.81
CA PRO B 237 10.69 19.42 0.55
C PRO B 237 11.81 19.09 1.52
N ASP B 238 12.36 17.88 1.45
CA ASP B 238 13.46 17.54 2.35
C ASP B 238 14.76 18.21 1.92
N ALA B 239 15.11 18.09 0.64
CA ALA B 239 16.44 18.48 0.19
C ALA B 239 16.60 19.99 0.04
N LYS B 240 15.52 20.71 -0.22
CA LYS B 240 15.55 22.17 -0.25
C LYS B 240 15.08 22.80 1.05
N GLY B 241 14.03 22.28 1.64
CA GLY B 241 13.45 22.87 2.84
C GLY B 241 11.94 22.85 2.70
N THR B 242 11.27 22.68 3.84
CA THR B 242 9.82 22.50 3.86
C THR B 242 9.05 23.80 4.01
N ARG B 243 9.73 24.93 4.11
CA ARG B 243 9.04 26.22 4.21
C ARG B 243 9.70 27.20 3.25
N TYR B 244 8.95 28.23 2.88
CA TYR B 244 9.42 29.15 1.85
C TYR B 244 10.38 30.16 2.44
N GLY B 245 11.61 30.17 1.94
CA GLY B 245 12.52 31.26 2.19
C GLY B 245 12.47 32.21 1.01
N GLN B 246 11.63 33.23 1.10
CA GLN B 246 11.37 34.13 -0.01
C GLN B 246 12.44 35.20 -0.10
N ARG B 247 12.96 35.42 -1.31
CA ARG B 247 13.93 36.50 -1.53
C ARG B 247 13.21 37.83 -1.64
N GLU B 248 13.90 38.90 -1.25
CA GLU B 248 13.39 40.24 -1.46
C GLU B 248 13.13 40.47 -2.94
N LEU B 249 11.93 40.95 -3.26
CA LEU B 249 11.52 41.11 -4.65
C LEU B 249 12.47 42.02 -5.42
N ALA B 250 12.88 43.13 -4.80
CA ALA B 250 13.78 44.06 -5.51
C ALA B 250 15.09 43.39 -5.86
N SER B 251 15.59 42.49 -5.01
CA SER B 251 16.83 41.78 -5.31
C SER B 251 16.64 40.79 -6.45
N VAL B 252 15.53 40.06 -6.45
CA VAL B 252 15.26 39.12 -7.54
C VAL B 252 15.22 39.85 -8.87
N VAL B 253 14.46 40.95 -8.93
CA VAL B 253 14.32 41.66 -10.21
C VAL B 253 15.61 42.34 -10.61
N ASP B 254 16.36 42.88 -9.63
CA ASP B 254 17.70 43.40 -9.92
C ASP B 254 18.56 42.35 -10.61
N GLU B 255 18.51 41.12 -10.09
CA GLU B 255 19.29 40.04 -10.68
C GLU B 255 18.81 39.70 -12.08
N MET B 256 17.49 39.61 -12.28
CA MET B 256 16.96 39.37 -13.62
C MET B 256 17.36 40.49 -14.57
N GLU B 257 17.31 41.74 -14.10
CA GLU B 257 17.70 42.87 -14.92
C GLU B 257 19.17 42.78 -15.30
N SER B 258 20.02 42.36 -14.35
CA SER B 258 21.44 42.18 -14.62
C SER B 258 21.66 41.11 -15.69
N LEU B 259 20.94 39.99 -15.59
CA LEU B 259 21.03 38.96 -16.63
C LEU B 259 20.62 39.52 -17.99
N ALA B 260 19.47 40.21 -18.04
CA ALA B 260 18.98 40.73 -19.30
C ALA B 260 19.93 41.76 -19.91
N ALA B 261 20.60 42.54 -19.07
CA ALA B 261 21.56 43.52 -19.57
C ALA B 261 22.72 42.85 -20.30
N GLN B 262 23.11 41.65 -19.87
CA GLN B 262 24.18 40.92 -20.52
C GLN B 262 23.71 40.16 -21.77
N GLY B 263 22.44 40.28 -22.13
CA GLY B 263 21.89 39.55 -23.25
C GLY B 263 21.26 38.23 -22.88
N ILE B 264 21.23 37.89 -21.60
CA ILE B 264 20.63 36.64 -21.14
C ILE B 264 19.14 36.93 -20.95
N LEU B 265 18.40 36.85 -22.05
CA LEU B 265 17.01 37.28 -22.09
C LEU B 265 16.05 36.18 -21.71
N ASP B 266 16.33 34.93 -22.12
CA ASP B 266 15.53 33.79 -21.69
C ASP B 266 15.95 33.38 -20.29
N GLN B 267 15.03 33.46 -19.34
CA GLN B 267 15.32 33.13 -17.95
C GLN B 267 14.30 32.13 -17.45
N HIS B 268 14.78 31.10 -16.76
CA HIS B 268 13.94 30.04 -16.22
C HIS B 268 13.93 30.17 -14.71
N THR B 269 12.73 30.19 -14.11
CA THR B 269 12.62 30.20 -12.67
C THR B 269 13.14 28.89 -12.10
N THR B 270 13.87 28.98 -10.99
CA THR B 270 14.43 27.79 -10.35
C THR B 270 13.84 27.51 -8.98
N ASP B 271 12.65 28.05 -8.70
CA ASP B 271 11.88 27.63 -7.54
C ASP B 271 11.47 26.17 -7.68
N SER B 272 11.09 25.56 -6.56
CA SER B 272 10.44 24.25 -6.65
C SER B 272 9.17 24.33 -7.48
N GLU B 273 8.31 25.32 -7.19
CA GLU B 273 7.10 25.58 -7.98
C GLU B 273 6.88 27.08 -7.95
N PHE B 274 6.83 27.72 -9.13
CA PHE B 274 6.78 29.17 -9.16
C PHE B 274 5.48 29.71 -8.56
N ASN B 275 4.36 29.04 -8.81
CA ASN B 275 3.05 29.56 -8.40
C ASN B 275 2.59 29.08 -7.03
N LEU B 276 3.40 28.31 -6.31
CA LEU B 276 3.14 28.14 -4.89
C LEU B 276 3.74 29.32 -4.16
N SER B 277 3.17 29.65 -3.01
CA SER B 277 3.37 30.97 -2.40
C SER B 277 3.05 32.05 -3.43
N ILE B 278 1.77 32.08 -3.81
CA ILE B 278 1.36 32.79 -5.02
C ILE B 278 1.44 34.30 -4.86
N ALA B 279 1.25 34.81 -3.65
CA ALA B 279 1.27 36.26 -3.47
C ALA B 279 2.64 36.83 -3.80
N HIS B 280 3.70 36.12 -3.39
CA HIS B 280 5.06 36.53 -3.73
C HIS B 280 5.29 36.48 -5.24
N ALA B 281 4.80 35.43 -5.90
CA ALA B 281 4.97 35.31 -7.34
C ALA B 281 4.28 36.45 -8.08
N LYS B 282 3.04 36.77 -7.69
CA LYS B 282 2.32 37.85 -8.35
C LYS B 282 2.99 39.20 -8.11
N ASN B 283 3.46 39.44 -6.89
CA ASN B 283 4.19 40.68 -6.62
C ASN B 283 5.48 40.76 -7.44
N LEU B 284 6.14 39.63 -7.63
CA LEU B 284 7.33 39.59 -8.48
C LEU B 284 6.98 40.00 -9.90
N LEU B 285 5.91 39.42 -10.46
CA LEU B 285 5.51 39.74 -11.83
C LEU B 285 5.12 41.21 -11.94
N ARG B 286 4.40 41.72 -10.94
CA ARG B 286 4.04 43.13 -10.94
C ARG B 286 5.27 44.03 -10.98
N GLU B 287 6.30 43.70 -10.22
CA GLU B 287 7.50 44.53 -10.21
C GLU B 287 8.20 44.49 -11.57
N ILE B 288 8.25 43.32 -12.19
CA ILE B 288 8.85 43.22 -13.52
C ILE B 288 8.09 44.10 -14.51
N VAL B 289 6.75 44.00 -14.49
CA VAL B 289 5.94 44.78 -15.42
C VAL B 289 6.12 46.28 -15.17
N ARG B 290 6.15 46.67 -13.90
CA ARG B 290 6.28 48.09 -13.57
C ARG B 290 7.63 48.64 -14.01
N ARG B 291 8.71 47.86 -13.85
CA ARG B 291 10.01 48.32 -14.32
C ARG B 291 10.03 48.41 -15.84
N ARG B 292 9.41 47.45 -16.53
CA ARG B 292 9.36 47.47 -17.99
C ARG B 292 8.69 48.75 -18.49
N HIS B 293 7.54 49.11 -17.90
CA HIS B 293 6.83 50.31 -18.33
C HIS B 293 7.55 51.59 -17.92
N ALA B 294 8.22 51.59 -16.77
CA ALA B 294 8.87 52.80 -16.27
C ALA B 294 10.03 53.25 -17.15
N ASP B 295 10.67 52.34 -17.89
CA ASP B 295 11.81 52.71 -18.70
C ASP B 295 11.88 51.81 -19.93
N PRO B 296 11.64 52.34 -21.12
CA PRO B 296 11.71 51.49 -22.33
C PRO B 296 13.10 50.91 -22.58
N ASP B 297 14.15 51.54 -22.06
CA ASP B 297 15.51 51.04 -22.22
C ASP B 297 15.86 49.96 -21.20
N ASN B 298 14.99 49.71 -20.22
CA ASN B 298 15.24 48.63 -19.27
C ASN B 298 15.27 47.30 -20.02
N PRO B 299 16.35 46.52 -19.89
CA PRO B 299 16.47 45.29 -20.68
C PRO B 299 15.42 44.24 -20.36
N LEU B 300 14.72 44.37 -19.22
CA LEU B 300 13.59 43.48 -18.94
C LEU B 300 12.48 43.61 -19.98
N ASN B 301 12.50 44.66 -20.81
CA ASN B 301 11.52 44.76 -21.88
C ASN B 301 11.70 43.69 -22.94
N ARG B 302 12.83 42.98 -22.96
CA ARG B 302 13.02 41.85 -23.84
C ARG B 302 13.07 40.52 -23.07
N LEU B 303 12.64 40.52 -21.81
CA LEU B 303 12.66 39.31 -21.00
C LEU B 303 11.76 38.23 -21.62
N ARG B 304 12.24 37.00 -21.62
CA ARG B 304 11.46 35.85 -22.04
C ARG B 304 11.50 34.84 -20.89
N LEU B 305 10.42 34.81 -20.10
CA LEU B 305 10.41 34.08 -18.84
C LEU B 305 9.81 32.70 -19.04
N TRP B 306 10.46 31.69 -18.47
CA TRP B 306 9.99 30.31 -18.53
C TRP B 306 9.81 29.82 -17.11
N VAL B 307 8.60 29.36 -16.77
CA VAL B 307 8.27 29.04 -15.39
C VAL B 307 7.76 27.60 -15.29
N TYR B 308 7.86 27.05 -14.09
CA TYR B 308 7.37 25.73 -13.77
C TYR B 308 6.34 25.87 -12.66
N CYS B 309 5.19 25.24 -12.84
CA CYS B 309 4.03 25.49 -11.99
C CYS B 309 3.35 24.18 -11.65
N GLN B 310 2.56 24.24 -10.59
CA GLN B 310 1.56 23.24 -10.32
C GLN B 310 0.24 23.71 -10.92
N PRO B 311 -0.72 22.80 -11.10
CA PRO B 311 -1.99 23.21 -11.74
C PRO B 311 -2.74 24.28 -10.97
N SER B 312 -2.54 24.39 -9.65
CA SER B 312 -3.24 25.34 -8.81
C SER B 312 -2.25 25.90 -7.81
N PRO B 313 -2.30 27.21 -7.51
CA PRO B 313 -3.25 28.17 -8.08
C PRO B 313 -2.76 28.79 -9.38
N PHE B 314 -3.63 28.86 -10.38
CA PHE B 314 -3.28 29.45 -11.67
C PHE B 314 -4.54 30.10 -12.21
N ASP B 315 -4.75 31.38 -11.86
CA ASP B 315 -6.00 32.06 -12.19
C ASP B 315 -5.76 33.11 -13.27
N GLU B 316 -6.85 33.81 -13.61
CA GLU B 316 -6.79 34.77 -14.71
C GLU B 316 -5.81 35.90 -14.43
N GLU B 317 -5.83 36.44 -13.21
CA GLU B 317 -4.90 37.53 -12.88
C GLU B 317 -3.45 37.08 -13.02
N PHE B 318 -3.15 35.86 -12.56
CA PHE B 318 -1.80 35.33 -12.69
C PHE B 318 -1.40 35.20 -14.15
N ALA B 319 -2.32 34.72 -14.99
CA ALA B 319 -2.01 34.56 -16.41
C ALA B 319 -1.81 35.91 -17.09
N ASP B 320 -2.61 36.92 -16.72
CA ASP B 320 -2.39 38.25 -17.26
C ASP B 320 -1.05 38.81 -16.82
N LEU B 321 -0.68 38.56 -15.56
CA LEU B 321 0.60 39.07 -15.05
C LEU B 321 1.76 38.36 -15.73
N LEU B 322 1.66 37.04 -15.89
CA LEU B 322 2.69 36.31 -16.64
C LEU B 322 2.85 36.88 -18.04
N ALA B 323 1.73 37.10 -18.75
CA ALA B 323 1.83 37.61 -20.11
C ALA B 323 2.49 38.98 -20.12
N ALA B 324 2.10 39.86 -19.20
CA ALA B 324 2.62 41.23 -19.21
C ALA B 324 4.09 41.27 -18.83
N ALA B 325 4.56 40.33 -18.03
CA ALA B 325 5.94 40.32 -17.58
C ALA B 325 6.89 39.77 -18.64
N GLY B 326 6.38 39.08 -19.64
CA GLY B 326 7.20 38.46 -20.65
C GLY B 326 7.28 36.95 -20.59
N CYS B 327 6.34 36.30 -19.91
CA CYS B 327 6.33 34.85 -19.88
C CYS B 327 6.06 34.30 -21.28
N ARG B 328 6.91 33.38 -21.72
CA ARG B 328 6.74 32.71 -23.00
C ARG B 328 6.25 31.27 -22.86
N GLY B 329 6.45 30.64 -21.72
CA GLY B 329 6.08 29.24 -21.56
C GLY B 329 5.83 28.89 -20.11
N VAL B 330 4.90 27.97 -19.90
CA VAL B 330 4.59 27.40 -18.59
C VAL B 330 4.69 25.89 -18.69
N ASN B 331 5.47 25.31 -17.79
CA ASN B 331 5.58 23.86 -17.64
C ASN B 331 4.82 23.49 -16.38
N VAL B 332 3.86 22.58 -16.49
CA VAL B 332 2.97 22.24 -15.37
C VAL B 332 3.12 20.76 -15.01
N GLY B 333 3.36 20.49 -13.74
CA GLY B 333 3.43 19.12 -13.25
C GLY B 333 2.07 18.56 -12.88
N SER B 334 1.20 18.42 -13.90
CA SER B 334 -0.12 17.86 -13.65
C SER B 334 -0.02 16.39 -13.20
N ASP B 335 0.88 15.64 -13.82
CA ASP B 335 1.35 14.32 -13.38
C ASP B 335 0.34 13.20 -13.63
N HIS B 336 -0.94 13.40 -13.32
CA HIS B 336 -1.95 12.41 -13.65
C HIS B 336 -3.33 13.07 -13.61
N ILE B 337 -4.37 12.28 -13.84
CA ILE B 337 -5.75 12.76 -13.79
C ILE B 337 -6.60 11.92 -12.83
N ARG B 338 -6.24 10.67 -12.63
CA ARG B 338 -7.08 9.77 -11.84
CA ARG B 338 -7.08 9.77 -11.84
C ARG B 338 -6.95 10.09 -10.35
N PRO B 339 -8.06 10.39 -9.66
CA PRO B 339 -7.97 10.66 -8.21
C PRO B 339 -7.42 9.50 -7.42
N GLU B 340 -7.69 8.25 -7.83
CA GLU B 340 -7.18 7.11 -7.09
C GLU B 340 -5.66 7.04 -7.17
N LEU B 341 -5.06 7.58 -8.23
CA LEU B 341 -3.61 7.66 -8.32
C LEU B 341 -3.05 8.90 -7.64
N LEU B 342 -3.73 10.05 -7.78
CA LEU B 342 -3.22 11.29 -7.21
C LEU B 342 -3.37 11.31 -5.70
N SER B 343 -4.40 10.63 -5.17
CA SER B 343 -4.56 10.55 -3.72
C SER B 343 -3.34 9.90 -3.09
N GLY B 344 -2.85 10.51 -2.01
CA GLY B 344 -1.65 10.05 -1.35
C GLY B 344 -0.36 10.34 -2.11
N TRP B 345 -0.44 10.88 -3.32
CA TRP B 345 0.73 11.18 -4.14
C TRP B 345 0.96 12.68 -4.24
N LYS B 346 0.09 13.41 -4.93
CA LYS B 346 0.26 14.86 -5.07
C LYS B 346 -0.51 15.50 -3.93
N VAL B 347 0.13 15.63 -2.77
CA VAL B 347 -0.56 16.01 -1.55
C VAL B 347 0.16 17.13 -0.83
N THR B 348 -0.60 17.83 0.01
CA THR B 348 -0.03 18.77 0.97
C THR B 348 0.56 18.00 2.15
N GLU B 349 1.09 18.74 3.13
CA GLU B 349 1.60 18.12 4.35
C GLU B 349 0.49 17.46 5.15
N LYS B 350 -0.75 17.95 5.03
CA LYS B 350 -1.88 17.35 5.71
C LYS B 350 -2.38 16.09 5.02
N GLY B 351 -1.89 15.80 3.81
CA GLY B 351 -2.24 14.58 3.11
C GLY B 351 -3.34 14.71 2.08
N GLY B 352 -3.88 15.92 1.89
CA GLY B 352 -4.94 16.12 0.92
C GLY B 352 -4.42 16.56 -0.44
N THR B 353 -5.18 16.23 -1.48
CA THR B 353 -4.88 16.77 -2.79
C THR B 353 -5.19 18.26 -2.83
N TYR B 354 -4.62 18.95 -3.82
CA TYR B 354 -4.75 20.39 -3.90
C TYR B 354 -5.10 20.87 -5.31
N TYR B 355 -5.46 19.96 -6.20
CA TYR B 355 -5.96 20.38 -7.50
C TYR B 355 -6.84 19.30 -8.10
N THR B 356 -7.55 19.70 -9.15
CA THR B 356 -8.33 18.81 -10.00
C THR B 356 -7.87 19.00 -11.43
N PHE B 357 -8.39 18.16 -12.33
CA PHE B 357 -8.01 18.33 -13.72
C PHE B 357 -8.51 19.65 -14.29
N GLU B 358 -9.57 20.21 -13.72
CA GLU B 358 -10.05 21.53 -14.17
C GLU B 358 -8.96 22.58 -14.02
N ASP B 359 -8.08 22.43 -13.03
CA ASP B 359 -7.02 23.41 -12.83
C ASP B 359 -6.02 23.38 -13.99
N THR B 360 -5.66 22.18 -14.46
CA THR B 360 -4.79 22.08 -15.62
C THR B 360 -5.50 22.58 -16.88
N GLU B 361 -6.77 22.22 -17.03
CA GLU B 361 -7.55 22.73 -18.17
CA GLU B 361 -7.54 22.72 -18.17
C GLU B 361 -7.56 24.25 -18.20
N ARG B 362 -7.82 24.87 -17.05
CA ARG B 362 -7.85 26.33 -16.97
CA ARG B 362 -7.85 26.32 -16.99
C ARG B 362 -6.47 26.91 -17.27
N LEU B 363 -5.42 26.31 -16.71
CA LEU B 363 -4.08 26.79 -16.97
C LEU B 363 -3.79 26.80 -18.47
N VAL B 364 -4.04 25.68 -19.14
CA VAL B 364 -3.72 25.57 -20.55
C VAL B 364 -4.56 26.56 -21.36
N ARG B 365 -5.84 26.70 -21.04
CA ARG B 365 -6.67 27.67 -21.75
C ARG B 365 -6.15 29.09 -21.58
N LEU B 366 -5.92 29.51 -20.33
CA LEU B 366 -5.45 30.88 -20.07
C LEU B 366 -4.14 31.16 -20.78
N CYS B 367 -3.23 30.18 -20.80
CA CYS B 367 -1.99 30.36 -21.54
C CYS B 367 -2.26 30.44 -23.04
N ARG B 368 -3.13 29.57 -23.55
CA ARG B 368 -3.48 29.62 -24.97
CA ARG B 368 -3.48 29.62 -24.97
C ARG B 368 -4.04 30.98 -25.35
N GLU B 369 -4.96 31.51 -24.53
CA GLU B 369 -5.57 32.81 -24.81
C GLU B 369 -4.54 33.93 -24.86
N ARG B 370 -3.40 33.78 -24.20
CA ARG B 370 -2.40 34.83 -24.12
C ARG B 370 -1.14 34.51 -24.91
N GLY B 371 -1.18 33.48 -25.75
CA GLY B 371 -0.01 33.18 -26.56
C GLY B 371 1.16 32.66 -25.77
N ILE B 372 0.89 32.03 -24.63
CA ILE B 372 1.92 31.45 -23.78
C ILE B 372 1.95 29.94 -24.05
N LEU B 373 3.14 29.42 -24.35
CA LEU B 373 3.28 27.99 -24.64
C LEU B 373 3.15 27.18 -23.36
N THR B 374 2.75 25.91 -23.52
CA THR B 374 2.48 25.04 -22.39
C THR B 374 3.12 23.68 -22.59
N MET B 375 3.75 23.17 -21.54
CA MET B 375 4.19 21.78 -21.50
C MET B 375 3.55 21.10 -20.30
N VAL B 376 2.75 20.07 -20.57
CA VAL B 376 2.07 19.30 -19.54
C VAL B 376 2.81 17.99 -19.36
N GLU B 377 3.12 17.65 -18.10
CA GLU B 377 3.90 16.47 -17.76
C GLU B 377 3.02 15.44 -17.08
N ALA B 378 3.18 14.18 -17.48
CA ALA B 378 2.54 13.05 -16.82
C ALA B 378 3.59 12.04 -16.41
N LEU B 379 3.35 11.38 -15.28
CA LEU B 379 4.23 10.35 -14.76
C LEU B 379 3.40 9.09 -14.56
N PHE B 380 3.81 8.00 -15.20
CA PHE B 380 3.09 6.73 -15.12
C PHE B 380 3.88 5.72 -14.32
N GLY B 381 3.16 4.86 -13.61
CA GLY B 381 3.78 3.80 -12.83
C GLY B 381 3.72 3.98 -11.34
N MET B 382 3.12 5.07 -10.84
CA MET B 382 2.95 5.25 -9.41
C MET B 382 1.94 4.23 -8.88
N PRO B 383 1.86 4.05 -7.56
CA PRO B 383 0.97 3.02 -7.01
C PRO B 383 -0.47 3.18 -7.47
N GLY B 384 -1.06 2.08 -7.95
CA GLY B 384 -2.39 2.08 -8.52
C GLY B 384 -2.43 2.02 -10.04
N GLU B 385 -1.31 2.29 -10.70
CA GLU B 385 -1.30 2.39 -12.16
C GLU B 385 -1.58 1.04 -12.80
N THR B 386 -2.49 1.04 -13.76
CA THR B 386 -2.80 -0.10 -14.62
C THR B 386 -2.75 0.40 -16.05
N PRO B 387 -2.76 -0.49 -17.04
CA PRO B 387 -2.86 -0.02 -18.43
C PRO B 387 -4.06 0.87 -18.69
N GLU B 388 -5.20 0.62 -18.03
CA GLU B 388 -6.37 1.45 -18.28
C GLU B 388 -6.21 2.82 -17.65
N THR B 389 -5.51 2.93 -16.52
CA THR B 389 -5.30 4.25 -15.93
C THR B 389 -4.35 5.09 -16.80
N VAL B 390 -3.34 4.45 -17.41
CA VAL B 390 -2.45 5.17 -18.32
C VAL B 390 -3.22 5.70 -19.53
N ARG B 391 -4.02 4.83 -20.15
CA ARG B 391 -4.78 5.24 -21.33
C ARG B 391 -5.72 6.41 -21.01
N ALA B 392 -6.39 6.36 -19.87
CA ALA B 392 -7.28 7.45 -19.49
C ALA B 392 -6.54 8.77 -19.37
N CYS B 393 -5.34 8.73 -18.77
CA CYS B 393 -4.54 9.95 -18.64
C CYS B 393 -4.05 10.43 -19.99
N VAL B 394 -3.54 9.52 -20.83
CA VAL B 394 -3.08 9.90 -22.16
C VAL B 394 -4.22 10.60 -22.92
N ASP B 395 -5.40 9.98 -22.96
CA ASP B 395 -6.51 10.54 -23.71
C ASP B 395 -6.89 11.93 -23.21
N ALA B 396 -6.96 12.10 -21.89
CA ALA B 396 -7.37 13.39 -21.34
C ALA B 396 -6.30 14.44 -21.52
N PHE B 397 -5.04 14.09 -21.25
CA PHE B 397 -3.94 15.05 -21.41
C PHE B 397 -3.77 15.45 -22.88
N MET B 398 -3.82 14.47 -23.78
CA MET B 398 -3.63 14.79 -25.20
C MET B 398 -4.72 15.70 -25.72
N ALA B 399 -5.93 15.61 -25.16
CA ALA B 399 -7.02 16.47 -25.60
C ALA B 399 -6.84 17.92 -25.16
N LEU B 400 -5.91 18.18 -24.23
CA LEU B 400 -5.64 19.57 -23.84
C LEU B 400 -5.09 20.40 -25.00
N ASP B 401 -4.44 19.76 -25.98
CA ASP B 401 -3.71 20.46 -27.02
C ASP B 401 -2.63 21.35 -26.44
N ALA B 402 -1.95 20.87 -25.41
CA ALA B 402 -0.78 21.58 -24.90
C ALA B 402 0.28 21.65 -25.98
N THR B 403 1.13 22.67 -25.90
CA THR B 403 2.21 22.78 -26.88
C THR B 403 3.04 21.50 -26.92
N VAL B 404 3.45 21.03 -25.74
CA VAL B 404 4.16 19.76 -25.61
C VAL B 404 3.52 19.00 -24.46
N THR B 405 3.35 17.70 -24.63
CA THR B 405 2.90 16.81 -23.56
C THR B 405 4.01 15.77 -23.36
N GLY B 406 4.54 15.71 -22.15
CA GLY B 406 5.63 14.82 -21.81
C GLY B 406 5.13 13.70 -20.91
N PHE B 407 5.54 12.47 -21.23
CA PHE B 407 5.17 11.29 -20.47
C PHE B 407 6.43 10.60 -19.96
N SER B 408 6.46 10.31 -18.65
CA SER B 408 7.56 9.60 -18.01
CA SER B 408 7.57 9.57 -18.06
C SER B 408 7.05 8.30 -17.42
N LEU B 409 7.98 7.39 -17.11
CA LEU B 409 7.65 6.05 -16.63
C LEU B 409 8.56 5.67 -15.46
N GLY B 410 7.95 5.20 -14.38
CA GLY B 410 8.73 4.72 -13.25
C GLY B 410 9.23 5.84 -12.34
N LEU B 411 9.64 5.45 -11.14
CA LEU B 411 10.09 6.39 -10.13
C LEU B 411 11.39 5.92 -9.52
N ARG B 412 12.45 6.73 -9.64
CA ARG B 412 13.65 6.52 -8.84
C ARG B 412 13.37 6.88 -7.38
N LEU B 413 13.66 5.95 -6.47
CA LEU B 413 13.34 6.10 -5.05
C LEU B 413 14.50 6.75 -4.31
N PHE B 414 14.16 7.66 -3.40
CA PHE B 414 15.13 8.36 -2.58
C PHE B 414 14.72 8.29 -1.12
N PRO B 415 15.70 8.40 -0.19
CA PRO B 415 15.41 8.08 1.21
C PRO B 415 14.42 9.02 1.88
N TYR B 416 14.41 10.29 1.53
CA TYR B 416 13.53 11.24 2.21
C TYR B 416 12.39 11.66 1.29
N THR B 417 11.75 10.66 0.70
CA THR B 417 10.48 10.85 0.01
C THR B 417 9.45 9.93 0.65
N PRO B 418 8.19 10.34 0.70
CA PRO B 418 7.18 9.44 1.27
C PRO B 418 7.15 8.07 0.60
N MET B 419 7.39 8.00 -0.71
CA MET B 419 7.45 6.71 -1.40
C MET B 419 8.59 5.86 -0.87
N GLY B 420 9.80 6.43 -0.83
CA GLY B 420 10.94 5.68 -0.35
C GLY B 420 10.77 5.21 1.09
N ILE B 421 10.23 6.10 1.94
CA ILE B 421 10.00 5.77 3.34
C ILE B 421 8.97 4.65 3.46
N GLU B 422 7.85 4.78 2.75
CA GLU B 422 6.81 3.77 2.85
C GLU B 422 7.26 2.43 2.28
N ILE B 423 8.01 2.45 1.17
CA ILE B 423 8.49 1.20 0.60
C ILE B 423 9.53 0.56 1.52
N ALA B 424 10.38 1.37 2.14
CA ALA B 424 11.30 0.82 3.14
C ALA B 424 10.53 0.18 4.30
N GLU B 425 9.45 0.84 4.74
CA GLU B 425 8.59 0.25 5.78
C GLU B 425 8.04 -1.10 5.35
N GLN B 426 7.62 -1.21 4.08
CA GLN B 426 7.06 -2.48 3.62
C GLN B 426 8.10 -3.59 3.63
N CYS B 427 9.37 -3.25 3.37
CA CYS B 427 10.44 -4.23 3.45
C CYS B 427 10.74 -4.59 4.90
N ALA B 428 10.73 -3.59 5.79
CA ALA B 428 11.01 -3.80 7.22
C ALA B 428 12.31 -4.57 7.44
N GLY B 429 13.24 -4.46 6.48
CA GLY B 429 14.53 -5.13 6.58
C GLY B 429 14.51 -6.64 6.44
N VAL B 430 13.36 -7.25 6.12
CA VAL B 430 13.25 -8.71 6.14
C VAL B 430 12.64 -9.28 4.87
N ARG B 431 12.16 -8.41 3.97
CA ARG B 431 11.51 -8.87 2.76
CA ARG B 431 11.48 -8.86 2.78
C ARG B 431 11.61 -7.78 1.71
N THR B 432 11.26 -8.14 0.48
CA THR B 432 11.19 -7.15 -0.58
C THR B 432 9.77 -6.60 -0.67
N ALA B 433 9.62 -5.49 -1.39
CA ALA B 433 8.30 -4.90 -1.52
C ALA B 433 7.85 -4.97 -2.98
N PRO B 434 6.55 -5.12 -3.22
CA PRO B 434 6.07 -5.12 -4.61
C PRO B 434 6.48 -3.85 -5.32
N GLY B 435 6.82 -4.00 -6.60
CA GLY B 435 7.15 -2.87 -7.44
C GLY B 435 8.59 -2.41 -7.38
N LEU B 436 9.38 -2.90 -6.43
CA LEU B 436 10.80 -2.57 -6.37
C LEU B 436 11.55 -3.16 -7.56
N GLN B 437 12.47 -2.39 -8.13
CA GLN B 437 13.21 -2.83 -9.29
C GLN B 437 14.55 -2.10 -9.32
N SER B 438 15.56 -2.81 -9.83
CA SER B 438 16.83 -2.19 -10.17
C SER B 438 17.49 -3.03 -11.26
N ASN B 439 18.06 -2.36 -12.27
CA ASN B 439 18.65 -3.09 -13.38
C ASN B 439 19.83 -3.95 -12.96
N THR B 440 20.49 -3.61 -11.86
CA THR B 440 21.68 -4.34 -11.41
C THR B 440 21.40 -5.16 -10.16
N ALA B 441 20.13 -5.40 -9.83
CA ALA B 441 19.81 -6.11 -8.60
C ALA B 441 20.20 -7.58 -8.73
N ASP B 442 20.92 -8.08 -7.73
CA ASP B 442 21.26 -9.50 -7.64
C ASP B 442 20.34 -10.10 -6.57
N GLY B 443 19.13 -10.45 -6.99
CA GLY B 443 18.14 -10.99 -6.09
C GLY B 443 17.22 -9.93 -5.53
N PRO B 444 16.39 -10.31 -4.56
CA PRO B 444 15.39 -9.38 -4.02
C PRO B 444 16.04 -8.18 -3.34
N ILE B 445 15.44 -7.01 -3.56
CA ILE B 445 15.89 -5.77 -2.95
C ILE B 445 15.23 -5.66 -1.58
N VAL B 446 16.03 -5.72 -0.52
CA VAL B 446 15.51 -5.66 0.84
C VAL B 446 15.99 -4.35 1.46
N LEU B 447 15.09 -3.37 1.56
CA LEU B 447 15.42 -2.09 2.17
C LEU B 447 15.16 -2.13 3.67
N LYS B 448 15.76 -1.17 4.37
CA LYS B 448 15.62 -1.01 5.81
C LYS B 448 15.04 0.37 6.13
N PRO B 449 14.01 0.47 6.95
CA PRO B 449 13.56 1.78 7.43
C PRO B 449 14.66 2.46 8.24
N LEU B 450 14.59 3.79 8.30
CA LEU B 450 15.62 4.57 8.97
C LEU B 450 15.87 4.11 10.41
N ARG B 451 14.80 3.80 11.15
CA ARG B 451 14.98 3.44 12.56
C ARG B 451 15.72 2.11 12.72
N MET B 452 15.82 1.32 11.67
CA MET B 452 16.57 0.07 11.71
C MET B 452 18.01 0.24 11.24
N CYS B 453 18.39 1.44 10.82
CA CYS B 453 19.74 1.68 10.31
C CYS B 453 20.64 2.22 11.41
N ALA B 454 21.92 1.87 11.31
CA ALA B 454 22.91 2.31 12.28
C ALA B 454 23.32 3.77 12.07
N SER B 455 23.06 4.34 10.90
CA SER B 455 23.49 5.69 10.59
C SER B 455 22.60 6.26 9.50
N PRO B 456 22.52 7.58 9.38
CA PRO B 456 21.90 8.16 8.19
C PRO B 456 22.54 7.69 6.90
N ALA B 457 23.87 7.54 6.88
CA ALA B 457 24.54 7.07 5.67
C ALA B 457 24.01 5.72 5.23
N GLU B 458 23.81 4.79 6.19
CA GLU B 458 23.26 3.48 5.81
C GLU B 458 21.87 3.62 5.22
N TYR B 459 21.01 4.41 5.86
CA TYR B 459 19.64 4.58 5.36
C TYR B 459 19.63 5.20 3.97
N GLU B 460 20.55 6.12 3.71
CA GLU B 460 20.55 6.83 2.45
C GLU B 460 21.19 6.03 1.32
N ARG B 461 22.30 5.34 1.62
CA ARG B 461 23.08 4.71 0.55
C ARG B 461 22.35 3.53 -0.07
N GLN B 462 21.44 2.89 0.67
CA GLN B 462 20.79 1.67 0.19
C GLN B 462 19.92 1.91 -1.02
N PHE B 463 19.49 3.15 -1.26
CA PHE B 463 18.68 3.46 -2.43
C PHE B 463 19.51 3.60 -3.70
N MET B 464 20.84 3.57 -3.58
CA MET B 464 21.74 3.70 -4.72
CA MET B 464 21.72 3.67 -4.74
C MET B 464 22.80 2.61 -4.81
N PHE B 465 23.13 1.93 -3.69
CA PHE B 465 24.19 0.94 -3.65
C PHE B 465 23.69 -0.32 -2.96
N ASP B 466 24.17 -1.47 -3.41
CA ASP B 466 23.84 -2.72 -2.73
C ASP B 466 24.83 -2.96 -1.58
N GLU B 467 24.71 -4.13 -0.95
CA GLU B 467 25.52 -4.41 0.24
C GLU B 467 27.01 -4.45 -0.06
N HIS B 468 27.38 -4.75 -1.30
CA HIS B 468 28.78 -4.84 -1.69
C HIS B 468 29.36 -3.53 -2.21
N GLY B 469 28.58 -2.45 -2.24
CA GLY B 469 29.05 -1.19 -2.75
C GLY B 469 28.88 -0.99 -4.25
N ASN B 470 28.27 -1.95 -4.95
CA ASN B 470 28.01 -1.78 -6.36
C ASN B 470 26.80 -0.89 -6.58
N PHE B 471 26.79 -0.18 -7.71
CA PHE B 471 25.64 0.64 -8.05
C PHE B 471 24.40 -0.23 -8.19
N ARG B 472 23.33 0.17 -7.50
CA ARG B 472 22.06 -0.53 -7.53
C ARG B 472 20.99 0.52 -7.25
N LEU B 473 20.70 1.30 -8.30
CA LEU B 473 19.75 2.40 -8.17
C LEU B 473 18.34 1.84 -8.11
N VAL B 474 17.64 2.11 -7.00
CA VAL B 474 16.36 1.49 -6.70
C VAL B 474 15.23 2.30 -7.32
N CYS B 475 14.23 1.60 -7.86
CA CYS B 475 13.09 2.21 -8.50
C CYS B 475 11.81 1.53 -8.06
N TYR B 476 10.70 2.22 -8.28
CA TYR B 476 9.37 1.65 -8.17
C TYR B 476 8.68 1.73 -9.52
N PHE B 477 7.98 0.66 -9.89
CA PHE B 477 7.13 0.64 -11.08
C PHE B 477 5.92 -0.22 -10.75
N SER B 478 4.73 0.33 -10.96
CA SER B 478 3.51 -0.32 -10.52
C SER B 478 3.46 -1.76 -11.03
N PRO B 479 3.26 -2.75 -10.15
CA PRO B 479 3.05 -4.13 -10.62
C PRO B 479 1.84 -4.26 -11.53
N GLY B 480 0.91 -3.31 -11.51
CA GLY B 480 -0.20 -3.31 -12.46
C GLY B 480 0.22 -3.14 -13.89
N LEU B 481 1.48 -2.78 -14.14
CA LEU B 481 1.99 -2.56 -15.49
C LEU B 481 2.89 -3.69 -15.97
N LEU B 482 3.00 -4.76 -15.19
CA LEU B 482 3.86 -5.89 -15.58
C LEU B 482 3.02 -7.08 -16.04
N TRP B 495 12.17 -2.91 -19.18
CA TRP B 495 11.89 -1.50 -19.42
C TRP B 495 11.53 -1.24 -20.88
N HIS B 496 12.19 -1.97 -21.80
CA HIS B 496 11.90 -1.80 -23.22
C HIS B 496 10.45 -2.12 -23.53
N GLY B 497 9.92 -3.21 -22.97
CA GLY B 497 8.53 -3.54 -23.19
C GLY B 497 7.58 -2.49 -22.64
N ALA B 498 7.92 -1.93 -21.47
CA ALA B 498 7.08 -0.90 -20.88
C ALA B 498 7.08 0.37 -21.72
N VAL B 499 8.25 0.76 -22.24
CA VAL B 499 8.33 1.94 -23.08
C VAL B 499 7.56 1.74 -24.37
N ALA B 500 7.66 0.56 -24.98
CA ALA B 500 6.96 0.31 -26.23
C ALA B 500 5.45 0.34 -26.04
N ASP B 501 4.97 -0.16 -24.89
CA ASP B 501 3.53 -0.12 -24.61
C ASP B 501 3.01 1.30 -24.59
N LEU B 502 3.78 2.24 -24.02
CA LEU B 502 3.35 3.62 -23.96
C LEU B 502 3.37 4.26 -25.35
N TRP B 503 4.43 4.00 -26.12
CA TRP B 503 4.52 4.56 -27.47
C TRP B 503 3.32 4.14 -28.31
N ALA B 504 2.82 2.91 -28.11
CA ALA B 504 1.70 2.41 -28.89
C ALA B 504 0.41 3.17 -28.60
N LEU B 505 0.34 3.95 -27.52
CA LEU B 505 -0.87 4.70 -27.22
C LEU B 505 -0.95 6.03 -27.96
N ILE B 506 0.16 6.49 -28.56
CA ILE B 506 0.22 7.80 -29.20
C ILE B 506 -0.03 7.63 -30.69
N ASP B 507 -1.00 8.36 -31.22
CA ASP B 507 -1.20 8.41 -32.66
C ASP B 507 0.05 8.97 -33.32
N PRO B 508 0.54 8.36 -34.41
CA PRO B 508 1.74 8.90 -35.07
C PRO B 508 1.57 10.34 -35.52
N ALA B 509 0.33 10.78 -35.79
CA ALA B 509 0.09 12.18 -36.16
C ALA B 509 0.33 13.13 -34.99
N ASP B 510 0.52 12.62 -33.78
CA ASP B 510 0.75 13.45 -32.60
C ASP B 510 2.19 13.41 -32.11
N HIS B 511 3.07 12.64 -32.77
CA HIS B 511 4.45 12.54 -32.30
C HIS B 511 5.15 13.89 -32.26
N HIS B 512 4.75 14.83 -33.13
CA HIS B 512 5.42 16.12 -33.13
C HIS B 512 5.21 16.87 -31.82
N ARG B 513 4.11 16.61 -31.11
CA ARG B 513 3.78 17.39 -29.92
C ARG B 513 3.88 16.59 -28.63
N VAL B 514 4.56 15.44 -28.65
CA VAL B 514 4.75 14.64 -27.44
C VAL B 514 6.23 14.35 -27.24
N MET B 515 6.59 14.21 -25.96
CA MET B 515 7.92 13.72 -25.57
C MET B 515 7.72 12.41 -24.83
N LEU B 516 8.32 11.34 -25.35
CA LEU B 516 8.21 10.01 -24.78
C LEU B 516 9.58 9.49 -24.37
N PRO B 517 9.64 8.57 -23.41
CA PRO B 517 10.92 7.94 -23.05
C PRO B 517 11.47 7.09 -24.17
N THR B 518 12.80 7.00 -24.23
CA THR B 518 13.49 6.18 -25.21
C THR B 518 14.60 5.41 -24.50
N VAL B 519 15.01 4.30 -25.11
CA VAL B 519 16.15 3.54 -24.63
C VAL B 519 17.19 3.39 -25.74
N ASN B 532 23.55 15.41 -31.04
CA ASN B 532 22.13 15.61 -31.30
C ASN B 532 21.94 16.64 -32.40
N PRO B 533 21.47 16.18 -33.57
CA PRO B 533 21.31 17.11 -34.70
C PRO B 533 20.30 18.21 -34.43
N PHE B 534 19.30 17.95 -33.59
CA PHE B 534 18.36 19.01 -33.20
C PHE B 534 19.05 20.05 -32.32
N LEU B 535 19.87 19.59 -31.36
CA LEU B 535 20.59 20.52 -30.49
C LEU B 535 21.58 21.36 -31.28
N THR B 536 22.32 20.75 -32.19
CA THR B 536 23.30 21.50 -32.99
C THR B 536 22.60 22.51 -33.90
N SER B 537 21.41 22.17 -34.39
CA SER B 537 20.68 23.10 -35.24
C SER B 537 20.18 24.30 -34.46
N LEU B 538 19.69 24.08 -33.23
CA LEU B 538 19.23 25.20 -32.40
C LEU B 538 20.35 26.20 -32.15
N GLY B 539 21.54 25.72 -31.82
CA GLY B 539 22.66 26.62 -31.60
C GLY B 539 23.11 27.31 -32.86
N GLY B 540 23.25 26.55 -33.95
CA GLY B 540 23.75 27.13 -35.20
C GLY B 540 22.86 28.24 -35.73
N LEU B 541 21.55 28.08 -35.59
CA LEU B 541 20.61 29.09 -36.05
C LEU B 541 20.31 30.14 -34.99
N GLY B 542 20.91 30.03 -33.81
CA GLY B 542 20.68 31.00 -32.76
C GLY B 542 19.27 31.01 -32.21
N TYR B 543 18.65 29.85 -32.06
CA TYR B 543 17.33 29.78 -31.48
C TYR B 543 17.41 30.00 -29.97
N THR B 544 16.37 30.64 -29.44
CA THR B 544 16.30 31.03 -28.04
C THR B 544 15.12 30.35 -27.36
N GLY B 545 15.14 30.38 -26.03
CA GLY B 545 14.05 29.86 -25.23
C GLY B 545 14.29 28.44 -24.79
N ALA B 546 13.33 27.95 -24.01
CA ALA B 546 13.39 26.57 -23.53
C ALA B 546 13.40 25.61 -24.72
N PHE B 547 14.10 24.50 -24.53
CA PHE B 547 14.22 23.46 -25.55
CA PHE B 547 14.22 23.51 -25.59
C PHE B 547 12.85 23.02 -26.07
N TRP B 548 11.93 22.74 -25.13
CA TRP B 548 10.63 22.22 -25.54
C TRP B 548 9.80 23.22 -26.34
N SER B 549 10.13 24.51 -26.28
CA SER B 549 9.40 25.49 -27.08
C SER B 549 9.63 25.33 -28.58
N HIS B 550 10.63 24.55 -28.97
CA HIS B 550 10.90 24.30 -30.38
C HIS B 550 10.71 22.83 -30.75
N TRP B 551 10.11 22.05 -29.85
CA TRP B 551 9.93 20.62 -30.09
C TRP B 551 8.98 20.35 -31.23
N ARG B 552 7.84 21.05 -31.28
CA ARG B 552 6.91 20.86 -32.39
C ARG B 552 7.59 21.08 -33.73
N GLY B 553 8.49 22.04 -33.81
CA GLY B 553 9.11 22.36 -35.09
C GLY B 553 10.50 21.77 -35.28
N ARG B 554 10.80 20.66 -34.60
CA ARG B 554 12.16 20.16 -34.62
C ARG B 554 12.57 19.72 -36.02
N GLU B 555 11.65 19.15 -36.79
CA GLU B 555 12.00 18.76 -38.15
C GLU B 555 12.31 20.00 -38.99
N GLU B 556 11.53 21.06 -38.83
CA GLU B 556 11.79 22.29 -39.59
C GLU B 556 13.10 22.94 -39.16
N ILE B 557 13.40 22.93 -37.86
CA ILE B 557 14.63 23.56 -37.38
C ILE B 557 15.86 22.84 -37.91
N MET B 558 15.81 21.51 -38.00
CA MET B 558 16.91 20.79 -38.62
C MET B 558 16.98 21.07 -40.12
N ARG B 559 15.82 21.22 -40.78
CA ARG B 559 15.82 21.57 -42.19
C ARG B 559 16.44 22.95 -42.41
N LYS B 560 16.06 23.92 -41.59
CA LYS B 560 16.54 25.28 -41.82
C LYS B 560 18.03 25.40 -41.53
N ALA B 561 18.55 24.61 -40.60
CA ALA B 561 19.99 24.60 -40.34
C ALA B 561 20.76 24.06 -41.53
N ARG B 562 20.24 23.01 -42.18
CA ARG B 562 20.84 22.53 -43.42
C ARG B 562 20.83 23.62 -44.48
N GLU B 563 19.73 24.38 -44.56
CA GLU B 563 19.62 25.44 -45.55
C GLU B 563 20.64 26.55 -45.29
N ALA B 564 20.78 26.97 -44.03
CA ALA B 564 21.73 28.03 -43.69
C ALA B 564 23.16 27.58 -43.94
N ALA B 565 23.48 26.32 -43.65
CA ALA B 565 24.82 25.79 -43.86
C ALA B 565 25.19 25.77 -45.34
#